data_6D5W
#
_entry.id   6D5W
#
_cell.length_a   186.125
_cell.length_b   186.125
_cell.length_c   179.217
_cell.angle_alpha   90.00
_cell.angle_beta   90.00
_cell.angle_gamma   90.00
#
_symmetry.space_group_name_H-M   'I 4 2 2'
#
loop_
_entity.id
_entity.type
_entity.pdbx_description
1 polymer 'GTPase HRas'
2 polymer 'GTPase HRas'
3 polymer 'Son of sevenless homolog 1'
4 non-polymer 'MAGNESIUM ION'
5 non-polymer 'PHOSPHOAMINOPHOSPHONIC ACID-GUANYLATE ESTER'
6 non-polymer 10-[(4-fluorophenyl)methyl]-2,3,4,10-tetrahydropyrimido[1,2-a]benzimidazole
7 water water
#
loop_
_entity_poly.entity_id
_entity_poly.type
_entity_poly.pdbx_seq_one_letter_code
_entity_poly.pdbx_strand_id
1 'polypeptide(L)'
;GMTEYKLVVVGAGGVGKSALTIQLIQNHFVDEYDPTIEDSYRKQVVIDGETCLLDILDTAGQEEASAMRDQYMRTGEGFL
CVFAINNTKSFEDIHQYREQIKRVKDSDDVPMVLVGNKCDLAARTVESRQAQDLARSYGIPYIETSAKTRQGVEDAFYTL
VREIRQH
;
Q
2 'polypeptide(L)'
;GMTEYKLVVVGAGGVGKSALTIQLIQNHFVDEYDPTIEDSYRKQVVIDGETCLLDILDTAGQEEYSAMRDQYMRTGEGFL
CVFAINNTKSFEDIHQYREQIKRVKDSDDVPMVLVGNKCDLAARTVESRQAQDLARSYGIPYIETSAKTRQGVEDAFYTL
VREIRQH
;
R
3 'polypeptide(L)'
;GQMRLPSADVYRFAEPDSEENIIFEENMQPKAGIPIIKAGTVIKLIERLTYHMYADPNFVRTFLTTYRSFCKPQELLSLI
IERFEIPEPEPTEADRIAIENGDQPLSAELKRFRKEYIQPVQLRVLNVCRHWVEHHFYDFERDAYLLQRMEEFIGTVRGK
AMKKWVESITKIIQRKKIARDNGPGHNITFQSSPPTVEWHISRPGHIETFDLLTLHPIEIARQLTLLESDLYRAVQPSEL
VGSVWTKEDKEINSPNLLKMIRHTTNLTLWFEKCIVETENLEERVAVVSRIIEILQVFQELNNFNGVLEVVSAMNSSPVY
RLDHTFEQIPSRQKKILEEAHELSEDHYKKYLAKLRSINPPCVPFFGIYLTNILKTEEGNPEVLKRHGKELINFSKRRKV
AEITGEIQQYQNQPYCLRVESDIKRFFENLNPMGNSMEKEFTDYLFNKSLEIEPRNPKPLPRFPKKYSYPLKSPGVRPSN
PR
;
S
#
# COMPACT_ATOMS: atom_id res chain seq x y z
N GLY A 1 -17.96 -1.16 9.51
CA GLY A 1 -16.77 -0.34 9.35
C GLY A 1 -15.78 -0.53 10.49
N MET A 2 -14.60 0.08 10.36
CA MET A 2 -13.59 -0.01 11.41
C MET A 2 -13.36 1.30 12.18
N THR A 3 -13.42 1.18 13.50
CA THR A 3 -13.10 2.29 14.39
C THR A 3 -11.61 2.52 14.33
N GLU A 4 -11.21 3.79 14.44
CA GLU A 4 -9.81 4.12 14.50
C GLU A 4 -9.43 4.51 15.93
N TYR A 5 -8.30 4.01 16.44
CA TYR A 5 -7.87 4.37 17.79
C TYR A 5 -6.47 4.94 17.77
N LYS A 6 -6.27 6.11 18.38
CA LYS A 6 -4.94 6.71 18.43
C LYS A 6 -4.25 6.38 19.76
N LEU A 7 -3.32 5.45 19.72
CA LEU A 7 -2.57 5.07 20.91
C LEU A 7 -1.27 5.83 20.91
N VAL A 8 -0.67 5.98 22.09
CA VAL A 8 0.60 6.68 22.24
C VAL A 8 1.45 5.95 23.28
N VAL A 9 2.72 5.72 22.97
CA VAL A 9 3.60 5.06 23.93
C VAL A 9 4.58 6.07 24.60
N VAL A 10 4.47 6.24 25.93
CA VAL A 10 5.36 7.15 26.65
C VAL A 10 6.21 6.44 27.69
N GLY A 11 7.30 7.07 28.08
CA GLY A 11 8.21 6.49 29.06
C GLY A 11 9.62 7.02 28.89
N ALA A 12 10.47 6.74 29.88
CA ALA A 12 11.85 7.21 29.87
C ALA A 12 12.64 6.62 28.70
N GLY A 13 13.80 7.21 28.42
CA GLY A 13 14.69 6.65 27.42
C GLY A 13 15.12 5.24 27.75
N GLY A 14 15.11 4.36 26.73
CA GLY A 14 15.66 3.02 26.87
C GLY A 14 14.79 1.96 27.55
N VAL A 15 13.54 2.31 27.85
CA VAL A 15 12.64 1.37 28.51
C VAL A 15 12.10 0.32 27.54
N GLY A 16 12.10 0.65 26.25
CA GLY A 16 11.67 -0.26 25.20
C GLY A 16 10.34 0.09 24.55
N LYS A 17 10.02 1.38 24.47
CA LYS A 17 8.82 1.84 23.79
C LYS A 17 8.85 1.41 22.33
N SER A 18 9.99 1.61 21.67
CA SER A 18 10.14 1.24 20.27
C SER A 18 10.12 -0.27 20.04
N ALA A 19 10.81 -1.02 20.91
CA ALA A 19 10.87 -2.46 20.81
C ALA A 19 9.49 -3.08 20.98
N LEU A 20 8.72 -2.56 21.93
CA LEU A 20 7.35 -2.99 22.15
C LEU A 20 6.50 -2.76 20.90
N THR A 21 6.59 -1.55 20.33
CA THR A 21 5.80 -1.19 19.17
C THR A 21 6.18 -2.03 17.93
N ILE A 22 7.47 -2.09 17.63
CA ILE A 22 7.96 -2.89 16.51
C ILE A 22 7.60 -4.38 16.65
N GLN A 23 7.74 -4.91 17.86
CA GLN A 23 7.30 -6.27 18.14
C GLN A 23 5.81 -6.43 17.80
N LEU A 24 4.98 -5.52 18.30
CA LEU A 24 3.56 -5.57 17.97
C LEU A 24 3.32 -5.46 16.47
N ILE A 25 4.06 -4.59 15.80
CA ILE A 25 3.82 -4.29 14.40
C ILE A 25 4.41 -5.34 13.46
N GLN A 26 5.64 -5.78 13.75
CA GLN A 26 6.40 -6.61 12.82
C GLN A 26 6.82 -7.97 13.36
N ASN A 27 6.48 -8.26 14.61
CA ASN A 27 6.82 -9.54 15.23
C ASN A 27 8.32 -9.74 15.27
N HIS A 28 9.02 -8.63 15.42
CA HIS A 28 10.45 -8.58 15.26
C HIS A 28 11.06 -7.86 16.46
N PHE A 29 12.13 -8.41 17.03
CA PHE A 29 12.76 -7.78 18.19
C PHE A 29 13.97 -6.91 17.84
N VAL A 30 13.80 -5.59 17.93
CA VAL A 30 14.87 -4.64 17.64
C VAL A 30 15.88 -4.61 18.79
N ASP A 31 17.12 -5.00 18.49
CA ASP A 31 18.15 -5.16 19.51
C ASP A 31 19.05 -3.94 19.60
N GLU A 32 19.02 -3.10 18.57
CA GLU A 32 19.74 -1.84 18.56
C GLU A 32 19.02 -0.79 19.41
N TYR A 33 19.78 0.07 20.08
CA TYR A 33 19.23 1.21 20.83
C TYR A 33 19.43 2.46 19.99
N ASP A 34 18.39 2.82 19.23
CA ASP A 34 18.40 4.02 18.41
C ASP A 34 17.33 4.94 18.93
N PRO A 35 17.74 6.01 19.66
CA PRO A 35 16.81 6.91 20.35
C PRO A 35 15.79 7.48 19.38
N THR A 36 14.52 7.45 19.76
CA THR A 36 13.44 7.92 18.91
C THR A 36 13.25 9.43 19.03
N ILE A 37 12.83 10.07 17.94
CA ILE A 37 12.42 11.47 17.97
C ILE A 37 10.88 11.52 17.91
N GLU A 38 10.30 10.91 16.87
CA GLU A 38 8.87 10.58 16.82
C GLU A 38 8.55 9.66 15.63
N ASP A 39 8.02 8.47 15.91
CA ASP A 39 7.67 7.52 14.86
C ASP A 39 6.19 7.17 14.92
N SER A 40 5.62 6.90 13.75
CA SER A 40 4.19 6.65 13.60
C SER A 40 3.99 5.30 12.96
N TYR A 41 3.01 4.55 13.45
CA TYR A 41 2.72 3.22 12.94
C TYR A 41 1.22 2.98 12.80
N ARG A 42 0.85 2.08 11.89
CA ARG A 42 -0.54 1.77 11.66
C ARG A 42 -0.73 0.26 11.75
N LYS A 43 -1.84 -0.19 12.34
CA LYS A 43 -2.10 -1.62 12.47
C LYS A 43 -3.59 -1.92 12.49
N GLN A 44 -4.05 -2.66 11.48
CA GLN A 44 -5.42 -3.16 11.46
C GLN A 44 -5.41 -4.47 12.22
N VAL A 45 -6.37 -4.64 13.12
CA VAL A 45 -6.44 -5.84 13.94
C VAL A 45 -7.86 -6.01 14.49
N VAL A 46 -8.27 -7.27 14.67
CA VAL A 46 -9.57 -7.61 15.21
C VAL A 46 -9.41 -7.85 16.70
N ILE A 47 -10.19 -7.11 17.48
CA ILE A 47 -10.12 -7.17 18.93
C ILE A 47 -11.53 -7.36 19.45
N ASP A 48 -11.76 -8.46 20.17
CA ASP A 48 -13.08 -8.81 20.71
C ASP A 48 -14.16 -8.76 19.61
N GLY A 49 -13.84 -9.31 18.45
CA GLY A 49 -14.79 -9.41 17.35
C GLY A 49 -14.94 -8.17 16.48
N GLU A 50 -14.24 -7.09 16.80
CA GLU A 50 -14.37 -5.85 16.05
C GLU A 50 -13.06 -5.43 15.39
N THR A 51 -13.16 -4.99 14.13
CA THR A 51 -11.97 -4.58 13.41
C THR A 51 -11.59 -3.15 13.76
N CYS A 52 -10.36 -2.98 14.25
CA CYS A 52 -9.83 -1.69 14.66
C CYS A 52 -8.70 -1.28 13.73
N LEU A 53 -8.54 0.02 13.56
CA LEU A 53 -7.34 0.56 12.95
C LEU A 53 -6.55 1.29 14.04
N LEU A 54 -5.45 0.69 14.47
CA LEU A 54 -4.62 1.27 15.51
C LEU A 54 -3.61 2.25 14.92
N ASP A 55 -3.63 3.50 15.39
CA ASP A 55 -2.53 4.43 15.10
C ASP A 55 -1.66 4.53 16.32
N ILE A 56 -0.42 4.07 16.19
CA ILE A 56 0.48 4.08 17.33
C ILE A 56 1.60 5.09 17.14
N LEU A 57 1.69 6.02 18.09
CA LEU A 57 2.76 6.99 18.10
C LEU A 57 3.87 6.57 19.08
N ASP A 58 5.08 6.40 18.56
CA ASP A 58 6.22 6.02 19.36
C ASP A 58 6.98 7.32 19.70
N THR A 59 6.96 7.70 20.97
CA THR A 59 7.44 9.03 21.38
C THR A 59 8.88 9.01 21.90
N ALA A 60 9.51 10.18 21.99
CA ALA A 60 10.87 10.30 22.50
C ALA A 60 10.92 10.17 24.02
N GLY A 61 11.89 9.41 24.52
CA GLY A 61 12.07 9.25 25.96
C GLY A 61 13.22 10.12 26.48
N GLN A 62 14.17 10.43 25.59
CA GLN A 62 15.32 11.25 25.91
C GLN A 62 14.93 12.59 26.52
N GLU A 63 15.64 13.00 27.57
CA GLU A 63 15.38 14.25 28.28
C GLU A 63 15.39 15.47 27.35
N GLU A 64 16.30 15.45 26.37
CA GLU A 64 16.44 16.55 25.41
C GLU A 64 15.20 16.88 24.56
N ALA A 65 14.20 16.02 24.59
CA ALA A 65 12.93 16.29 23.92
C ALA A 65 11.77 16.58 24.91
N SER A 66 12.12 16.88 26.16
CA SER A 66 11.16 17.23 27.22
C SER A 66 10.07 18.23 26.81
N ALA A 67 10.42 19.16 25.92
CA ALA A 67 9.56 20.30 25.61
C ALA A 67 8.59 20.06 24.45
N MET A 68 8.63 18.85 23.86
CA MET A 68 7.87 18.57 22.64
C MET A 68 6.74 17.57 22.84
N ARG A 69 6.25 17.44 24.08
CA ARG A 69 5.27 16.42 24.45
C ARG A 69 3.80 16.83 24.32
N ASP A 70 3.45 18.02 24.81
CA ASP A 70 2.07 18.53 24.74
C ASP A 70 1.38 18.30 23.40
N GLN A 71 2.15 18.44 22.33
N GLN A 71 2.12 18.49 22.31
CA GLN A 71 1.63 18.41 20.97
CA GLN A 71 1.54 18.38 20.97
C GLN A 71 1.10 17.02 20.59
C GLN A 71 0.99 16.98 20.72
N TYR A 72 1.79 15.97 21.05
CA TYR A 72 1.33 14.60 20.84
C TYR A 72 0.32 14.10 21.87
N MET A 73 0.39 14.61 23.10
CA MET A 73 -0.54 14.21 24.15
C MET A 73 -1.93 14.79 23.90
N ARG A 74 -1.98 15.85 23.10
CA ARG A 74 -3.26 16.47 22.79
C ARG A 74 -4.04 15.54 21.85
N THR A 75 -3.32 14.87 20.94
CA THR A 75 -3.95 14.05 19.91
C THR A 75 -4.32 12.63 20.37
N GLY A 76 -3.49 12.03 21.23
CA GLY A 76 -3.69 10.66 21.65
C GLY A 76 -4.95 10.42 22.48
N GLU A 77 -5.58 9.27 22.28
CA GLU A 77 -6.79 8.88 23.00
C GLU A 77 -6.52 7.93 24.17
N GLY A 78 -5.38 7.23 24.13
CA GLY A 78 -5.04 6.30 25.18
C GLY A 78 -3.53 6.17 25.24
N PHE A 79 -2.99 5.92 26.43
CA PHE A 79 -1.55 6.00 26.61
C PHE A 79 -0.96 4.76 27.28
N LEU A 80 0.09 4.24 26.66
CA LEU A 80 0.85 3.13 27.23
C LEU A 80 2.01 3.70 28.05
N CYS A 81 1.90 3.58 29.36
CA CYS A 81 2.94 4.12 30.23
C CYS A 81 3.96 3.07 30.57
N VAL A 82 5.12 3.19 29.95
CA VAL A 82 6.14 2.16 30.00
C VAL A 82 7.28 2.50 30.93
N PHE A 83 7.71 1.53 31.73
CA PHE A 83 8.95 1.62 32.48
C PHE A 83 9.59 0.25 32.35
N ALA A 84 10.90 0.17 32.55
CA ALA A 84 11.58 -1.13 32.49
C ALA A 84 11.70 -1.71 33.89
N ILE A 85 11.43 -3.00 34.04
CA ILE A 85 11.42 -3.62 35.36
C ILE A 85 12.81 -3.68 36.00
N ASN A 86 13.85 -3.41 35.21
CA ASN A 86 15.22 -3.40 35.72
C ASN A 86 15.77 -1.97 35.91
N ASN A 87 14.90 -0.98 35.83
CA ASN A 87 15.30 0.41 35.92
C ASN A 87 14.33 1.18 36.80
N THR A 88 14.71 1.38 38.06
CA THR A 88 13.85 2.05 39.05
C THR A 88 13.64 3.54 38.74
N LYS A 89 14.65 4.18 38.14
CA LYS A 89 14.51 5.59 37.76
C LYS A 89 13.33 5.77 36.81
N SER A 90 13.21 4.88 35.83
CA SER A 90 12.14 4.93 34.84
C SER A 90 10.76 4.70 35.45
N PHE A 91 10.72 3.99 36.57
CA PHE A 91 9.47 3.77 37.29
C PHE A 91 9.05 5.01 38.09
N GLU A 92 10.02 5.72 38.66
CA GLU A 92 9.74 6.98 39.34
C GLU A 92 9.37 8.09 38.36
N ASP A 93 9.78 7.92 37.11
CA ASP A 93 9.45 8.85 36.03
C ASP A 93 8.03 8.71 35.52
N ILE A 94 7.39 7.57 35.80
CA ILE A 94 6.05 7.28 35.29
C ILE A 94 5.04 8.30 35.84
N HIS A 95 5.21 8.66 37.11
CA HIS A 95 4.38 9.66 37.78
C HIS A 95 4.31 10.96 36.97
N GLN A 96 5.47 11.41 36.49
N GLN A 96 5.46 11.41 36.47
CA GLN A 96 5.53 12.66 35.74
CA GLN A 96 5.52 12.66 35.73
C GLN A 96 4.71 12.56 34.46
C GLN A 96 4.75 12.60 34.42
N TYR A 97 4.91 11.48 33.70
CA TYR A 97 4.17 11.25 32.45
C TYR A 97 2.66 11.28 32.68
N ARG A 98 2.20 10.54 33.69
CA ARG A 98 0.79 10.55 34.06
C ARG A 98 0.25 11.94 34.39
N GLU A 99 0.96 12.68 35.23
CA GLU A 99 0.55 14.05 35.58
C GLU A 99 0.49 14.95 34.36
N GLN A 100 1.50 14.84 33.48
CA GLN A 100 1.52 15.60 32.24
C GLN A 100 0.34 15.32 31.32
N ILE A 101 0.04 14.03 31.12
CA ILE A 101 -1.08 13.66 30.26
C ILE A 101 -2.37 14.23 30.83
N LYS A 102 -2.60 13.99 32.11
CA LYS A 102 -3.75 14.56 32.83
C LYS A 102 -3.87 16.08 32.66
N ARG A 103 -2.76 16.80 32.79
N ARG A 103 -2.74 16.78 32.77
CA ARG A 103 -2.74 18.24 32.59
CA ARG A 103 -2.71 18.22 32.60
C ARG A 103 -3.14 18.62 31.18
C ARG A 103 -3.12 18.62 31.19
N VAL A 104 -2.38 18.10 30.21
CA VAL A 104 -2.58 18.42 28.79
C VAL A 104 -3.98 18.11 28.27
N LYS A 105 -4.54 17.00 28.74
CA LYS A 105 -5.84 16.57 28.26
C LYS A 105 -6.99 17.07 29.14
N ASP A 106 -6.62 17.75 30.23
CA ASP A 106 -7.59 18.30 31.17
C ASP A 106 -8.70 17.32 31.53
N SER A 107 -8.30 16.14 32.00
CA SER A 107 -9.23 15.14 32.51
C SER A 107 -8.50 14.28 33.52
N ASP A 108 -9.22 13.80 34.53
CA ASP A 108 -8.63 12.83 35.48
C ASP A 108 -8.88 11.40 34.99
N ASP A 109 -9.49 11.28 33.82
CA ASP A 109 -9.99 9.98 33.37
C ASP A 109 -9.51 9.57 31.96
N VAL A 110 -8.21 9.55 31.76
CA VAL A 110 -7.66 9.30 30.43
C VAL A 110 -7.36 7.82 30.38
N PRO A 111 -7.77 7.14 29.29
CA PRO A 111 -7.49 5.70 29.20
C PRO A 111 -6.00 5.46 29.19
N MET A 112 -5.51 4.63 30.11
CA MET A 112 -4.10 4.24 30.08
C MET A 112 -3.83 2.87 30.68
N VAL A 113 -2.69 2.30 30.31
CA VAL A 113 -2.22 1.06 30.89
C VAL A 113 -0.81 1.29 31.41
N LEU A 114 -0.54 0.82 32.62
CA LEU A 114 0.83 0.83 33.13
C LEU A 114 1.50 -0.44 32.63
N VAL A 115 2.69 -0.29 32.06
CA VAL A 115 3.40 -1.41 31.45
C VAL A 115 4.81 -1.52 32.01
N GLY A 116 5.13 -2.68 32.58
CA GLY A 116 6.49 -2.92 33.05
C GLY A 116 7.26 -3.82 32.08
N ASN A 117 8.07 -3.21 31.23
CA ASN A 117 8.74 -3.92 30.16
C ASN A 117 10.02 -4.59 30.62
N LYS A 118 10.61 -5.40 29.73
CA LYS A 118 11.87 -6.11 29.97
C LYS A 118 11.77 -7.25 30.98
N CYS A 119 10.60 -7.86 31.08
CA CYS A 119 10.36 -8.95 32.02
C CYS A 119 11.07 -10.27 31.65
N ASP A 120 11.76 -10.29 30.51
CA ASP A 120 12.55 -11.48 30.18
C ASP A 120 13.80 -11.59 31.05
N LEU A 121 14.27 -10.45 31.55
CA LEU A 121 15.50 -10.37 32.33
C LEU A 121 15.37 -10.91 33.75
N ALA A 122 16.51 -11.35 34.29
CA ALA A 122 16.56 -11.78 35.68
C ALA A 122 16.67 -10.58 36.62
N ALA A 123 17.58 -9.67 36.30
CA ALA A 123 17.93 -8.57 37.21
C ALA A 123 16.82 -7.55 37.41
N ARG A 124 15.79 -7.91 38.15
CA ARG A 124 14.65 -7.02 38.41
C ARG A 124 14.88 -6.12 39.64
N THR A 125 14.60 -4.82 39.50
CA THR A 125 14.77 -3.88 40.60
C THR A 125 13.45 -3.24 41.09
N VAL A 126 12.43 -3.23 40.23
CA VAL A 126 11.09 -2.80 40.62
C VAL A 126 10.19 -4.02 40.82
N GLU A 127 9.62 -4.17 42.01
CA GLU A 127 8.76 -5.32 42.25
C GLU A 127 7.32 -5.10 41.74
N SER A 128 6.67 -6.19 41.34
CA SER A 128 5.32 -6.14 40.78
C SER A 128 4.35 -5.46 41.72
N ARG A 129 4.47 -5.81 43.00
CA ARG A 129 3.57 -5.30 44.03
C ARG A 129 3.55 -3.77 44.04
N GLN A 130 4.71 -3.15 43.81
CA GLN A 130 4.83 -1.68 43.80
C GLN A 130 4.13 -1.10 42.59
N ALA A 131 4.49 -1.62 41.42
CA ALA A 131 3.89 -1.18 40.18
C ALA A 131 2.37 -1.34 40.25
N GLN A 132 1.93 -2.52 40.69
CA GLN A 132 0.52 -2.79 40.91
C GLN A 132 -0.13 -1.74 41.83
N ASP A 133 0.49 -1.49 42.99
CA ASP A 133 0.02 -0.47 43.93
C ASP A 133 -0.20 0.86 43.21
N LEU A 134 0.81 1.29 42.45
CA LEU A 134 0.68 2.48 41.62
C LEU A 134 -0.51 2.40 40.67
N ALA A 135 -0.61 1.30 39.92
CA ALA A 135 -1.70 1.12 38.96
C ALA A 135 -3.07 1.21 39.63
N ARG A 136 -3.23 0.58 40.79
CA ARG A 136 -4.50 0.69 41.52
C ARG A 136 -4.80 2.14 41.93
N SER A 137 -3.78 2.90 42.34
CA SER A 137 -3.98 4.30 42.70
C SER A 137 -4.40 5.12 41.49
N TYR A 138 -4.03 4.64 40.29
CA TYR A 138 -4.46 5.29 39.06
C TYR A 138 -5.80 4.75 38.55
N GLY A 139 -6.23 3.60 39.08
CA GLY A 139 -7.43 2.95 38.59
C GLY A 139 -7.27 2.30 37.22
N ILE A 140 -6.11 1.71 36.97
CA ILE A 140 -5.82 1.15 35.65
C ILE A 140 -5.09 -0.18 35.81
N PRO A 141 -5.10 -1.01 34.76
CA PRO A 141 -4.40 -2.29 34.83
C PRO A 141 -2.90 -2.17 34.72
N TYR A 142 -2.19 -3.09 35.38
CA TYR A 142 -0.76 -3.24 35.24
C TYR A 142 -0.42 -4.47 34.41
N ILE A 143 0.31 -4.29 33.32
CA ILE A 143 0.67 -5.42 32.51
C ILE A 143 2.17 -5.49 32.30
N GLU A 144 2.76 -6.64 32.61
CA GLU A 144 4.18 -6.84 32.38
C GLU A 144 4.43 -7.48 31.03
N THR A 145 5.45 -6.97 30.35
CA THR A 145 5.71 -7.34 28.97
C THR A 145 7.19 -7.60 28.70
N SER A 146 7.48 -8.30 27.62
CA SER A 146 8.82 -8.38 27.11
C SER A 146 8.72 -8.20 25.62
N ALA A 147 9.42 -7.21 25.09
CA ALA A 147 9.39 -6.96 23.67
C ALA A 147 10.20 -8.05 22.96
N LYS A 148 11.09 -8.72 23.71
CA LYS A 148 11.97 -9.75 23.15
C LYS A 148 11.27 -11.11 23.00
N THR A 149 10.60 -11.56 24.05
CA THR A 149 9.89 -12.84 24.02
C THR A 149 8.43 -12.69 23.59
N ARG A 150 7.94 -11.44 23.53
CA ARG A 150 6.59 -11.12 23.09
C ARG A 150 5.52 -11.31 24.19
N GLN A 151 5.99 -11.78 25.36
CA GLN A 151 5.15 -11.86 26.56
C GLN A 151 4.43 -10.55 26.82
N GLY A 152 3.11 -10.60 26.93
CA GLY A 152 2.34 -9.45 27.36
C GLY A 152 2.05 -8.38 26.32
N VAL A 153 2.80 -8.40 25.22
CA VAL A 153 2.71 -7.31 24.24
C VAL A 153 1.30 -7.00 23.71
N GLU A 154 0.61 -8.03 23.20
CA GLU A 154 -0.75 -7.84 22.69
C GLU A 154 -1.71 -7.49 23.83
N ASP A 155 -1.48 -8.10 24.98
CA ASP A 155 -2.32 -7.90 26.16
C ASP A 155 -2.28 -6.42 26.61
N ALA A 156 -1.10 -5.82 26.62
CA ALA A 156 -0.98 -4.40 26.97
C ALA A 156 -1.64 -3.48 25.95
N PHE A 157 -1.37 -3.71 24.68
CA PHE A 157 -1.91 -2.85 23.61
C PHE A 157 -3.42 -3.01 23.46
N TYR A 158 -3.91 -4.24 23.59
CA TYR A 158 -5.33 -4.48 23.33
C TYR A 158 -6.16 -4.08 24.54
N THR A 159 -5.63 -4.31 25.73
CA THR A 159 -6.28 -3.79 26.93
C THR A 159 -6.52 -2.29 26.81
N LEU A 160 -5.50 -1.54 26.37
CA LEU A 160 -5.64 -0.10 26.17
C LEU A 160 -6.77 0.25 25.22
N VAL A 161 -6.88 -0.52 24.13
CA VAL A 161 -7.96 -0.35 23.17
C VAL A 161 -9.33 -0.52 23.83
N ARG A 162 -9.45 -1.54 24.68
CA ARG A 162 -10.71 -1.83 25.35
C ARG A 162 -11.10 -0.67 26.24
N GLU A 163 -10.09 -0.07 26.85
CA GLU A 163 -10.34 1.04 27.74
C GLU A 163 -10.81 2.25 26.97
N ILE A 164 -10.20 2.51 25.82
CA ILE A 164 -10.71 3.57 24.95
C ILE A 164 -12.15 3.27 24.54
N ARG A 165 -12.41 2.01 24.22
CA ARG A 165 -13.73 1.59 23.78
C ARG A 165 -14.79 1.78 24.86
N GLN A 166 -14.47 1.39 26.09
CA GLN A 166 -15.44 1.48 27.19
C GLN A 166 -15.53 2.90 27.75
N HIS A 167 -14.61 3.76 27.33
CA HIS A 167 -14.59 5.15 27.78
C HIS A 167 -15.84 5.89 27.33
N GLY B 1 -37.20 3.11 -16.75
CA GLY B 1 -36.40 2.40 -17.73
C GLY B 1 -35.00 2.98 -17.87
N MET B 2 -34.41 3.38 -16.74
CA MET B 2 -33.05 3.91 -16.70
C MET B 2 -32.05 2.81 -17.05
N THR B 3 -31.57 2.81 -18.28
CA THR B 3 -30.63 1.80 -18.72
C THR B 3 -29.21 2.08 -18.22
N GLU B 4 -28.54 1.04 -17.76
CA GLU B 4 -27.13 1.11 -17.40
C GLU B 4 -26.32 0.37 -18.46
N TYR B 5 -25.28 1.02 -18.98
CA TYR B 5 -24.39 0.37 -19.91
C TYR B 5 -23.06 0.09 -19.22
N LYS B 6 -22.53 -1.12 -19.43
CA LYS B 6 -21.23 -1.47 -18.90
C LYS B 6 -20.16 -1.34 -19.97
N LEU B 7 -19.41 -0.26 -19.91
CA LEU B 7 -18.34 0.01 -20.87
C LEU B 7 -17.00 -0.40 -20.26
N VAL B 8 -16.11 -0.92 -21.10
CA VAL B 8 -14.79 -1.32 -20.64
C VAL B 8 -13.75 -0.70 -21.54
N VAL B 9 -12.77 0.01 -20.96
CA VAL B 9 -11.67 0.59 -21.75
C VAL B 9 -10.54 -0.43 -21.81
N VAL B 10 -9.94 -0.61 -22.98
CA VAL B 10 -8.78 -1.49 -23.09
C VAL B 10 -7.73 -0.83 -23.97
N GLY B 11 -6.46 -1.15 -23.73
CA GLY B 11 -5.38 -0.70 -24.60
C GLY B 11 -4.02 -0.75 -23.91
N ALA B 12 -2.96 -0.47 -24.67
CA ALA B 12 -1.62 -0.43 -24.12
C ALA B 12 -1.52 0.57 -22.97
N GLY B 13 -0.81 0.18 -21.92
CA GLY B 13 -0.51 1.08 -20.83
C GLY B 13 0.66 1.98 -21.17
N GLY B 14 0.96 2.93 -20.28
CA GLY B 14 2.12 3.78 -20.42
C GLY B 14 1.98 4.94 -21.41
N VAL B 15 0.77 5.14 -21.91
CA VAL B 15 0.52 6.08 -23.01
C VAL B 15 -0.78 6.86 -22.82
N GLY B 16 -1.18 7.06 -21.58
CA GLY B 16 -2.31 7.91 -21.25
C GLY B 16 -3.74 7.45 -21.49
N LYS B 17 -3.97 6.13 -21.61
CA LYS B 17 -5.31 5.54 -21.69
C LYS B 17 -6.22 6.21 -20.68
N SER B 18 -5.72 6.18 -19.45
CA SER B 18 -6.37 6.70 -18.26
C SER B 18 -7.11 8.04 -18.42
N ALA B 19 -6.56 8.96 -19.21
CA ALA B 19 -7.13 10.30 -19.35
C ALA B 19 -8.54 10.33 -19.94
N LEU B 20 -8.86 9.31 -20.72
CA LEU B 20 -10.12 9.26 -21.45
C LEU B 20 -11.31 9.26 -20.52
N THR B 21 -11.30 8.33 -19.57
CA THR B 21 -12.36 8.20 -18.59
C THR B 21 -12.27 9.31 -17.53
N ILE B 22 -11.05 9.72 -17.18
CA ILE B 22 -10.86 10.75 -16.17
C ILE B 22 -11.51 12.04 -16.65
N GLN B 23 -11.22 12.45 -17.88
CA GLN B 23 -11.80 13.70 -18.42
C GLN B 23 -13.31 13.59 -18.57
N LEU B 24 -13.81 12.41 -18.87
CA LEU B 24 -15.25 12.23 -19.03
C LEU B 24 -15.99 12.44 -17.72
N ILE B 25 -15.66 11.59 -16.76
CA ILE B 25 -16.39 11.47 -15.50
C ILE B 25 -16.11 12.64 -14.61
N GLN B 26 -14.95 13.26 -14.82
CA GLN B 26 -14.46 14.31 -13.95
C GLN B 26 -15.53 15.34 -13.68
N ASN B 27 -16.13 15.83 -14.76
CA ASN B 27 -16.53 17.24 -14.77
C ASN B 27 -15.27 17.88 -14.20
N HIS B 28 -14.18 18.09 -14.94
CA HIS B 28 -14.01 18.29 -16.41
C HIS B 28 -14.01 19.80 -16.64
N PHE B 29 -14.62 20.48 -15.68
CA PHE B 29 -14.33 21.86 -15.38
C PHE B 29 -13.53 21.88 -14.12
N VAL B 30 -13.74 20.90 -13.27
CA VAL B 30 -12.81 20.64 -12.22
C VAL B 30 -11.53 20.01 -12.75
N ASP B 31 -10.54 19.86 -11.90
CA ASP B 31 -9.20 19.45 -12.33
C ASP B 31 -8.49 18.77 -11.20
N GLU B 32 -9.22 18.45 -10.15
CA GLU B 32 -8.77 17.62 -9.07
C GLU B 32 -9.54 16.25 -9.17
N TYR B 33 -9.08 15.18 -8.54
CA TYR B 33 -9.58 13.83 -8.82
C TYR B 33 -9.29 12.80 -7.74
N ASP B 34 -10.27 12.00 -7.41
CA ASP B 34 -10.06 10.87 -6.53
C ASP B 34 -10.68 9.56 -7.08
N PRO B 35 -9.85 8.66 -7.60
CA PRO B 35 -10.38 7.44 -8.22
C PRO B 35 -10.85 6.46 -7.16
N THR B 36 -10.37 6.67 -5.94
CA THR B 36 -10.72 5.89 -4.75
C THR B 36 -12.22 5.86 -4.45
N ILE B 37 -12.88 6.99 -4.53
CA ILE B 37 -14.28 7.04 -4.10
C ILE B 37 -15.17 6.31 -5.09
N GLU B 38 -16.15 5.59 -4.55
CA GLU B 38 -17.12 4.86 -5.36
C GLU B 38 -17.89 5.84 -6.24
N ASP B 39 -18.43 5.35 -7.35
CA ASP B 39 -19.16 6.19 -8.30
C ASP B 39 -18.30 7.36 -8.78
N SER B 40 -17.02 7.05 -8.97
CA SER B 40 -16.08 7.90 -9.68
C SER B 40 -15.87 7.25 -11.05
N TYR B 41 -16.65 6.20 -11.29
CA TYR B 41 -16.66 5.48 -12.56
C TYR B 41 -18.10 5.32 -13.03
N ARG B 42 -19.02 5.96 -12.30
CA ARG B 42 -20.42 6.02 -12.68
C ARG B 42 -20.71 7.43 -13.16
N LYS B 43 -21.64 7.57 -14.11
CA LYS B 43 -21.92 8.87 -14.71
C LYS B 43 -23.24 8.83 -15.45
N GLN B 44 -24.18 9.66 -15.03
CA GLN B 44 -25.45 9.79 -15.72
C GLN B 44 -25.31 10.79 -16.86
N VAL B 45 -25.83 10.44 -18.03
CA VAL B 45 -25.70 11.29 -19.20
C VAL B 45 -26.98 11.23 -20.03
N VAL B 46 -27.18 12.20 -20.90
CA VAL B 46 -28.32 12.18 -21.81
C VAL B 46 -27.83 12.03 -23.25
N ILE B 47 -28.05 10.86 -23.82
CA ILE B 47 -27.58 10.57 -25.17
C ILE B 47 -28.78 10.44 -26.10
N ASP B 48 -28.84 11.32 -27.11
CA ASP B 48 -29.96 11.37 -28.05
C ASP B 48 -31.30 11.50 -27.33
N GLY B 49 -31.38 12.42 -26.37
CA GLY B 49 -32.61 12.65 -25.64
C GLY B 49 -33.00 11.58 -24.62
N GLU B 50 -32.43 10.38 -24.75
CA GLU B 50 -32.67 9.33 -23.77
C GLU B 50 -31.56 9.30 -22.71
N THR B 51 -31.97 9.42 -21.45
CA THR B 51 -31.05 9.39 -20.32
C THR B 51 -30.62 7.96 -19.98
N CYS B 52 -29.38 7.80 -19.52
CA CYS B 52 -28.85 6.49 -19.20
C CYS B 52 -27.70 6.64 -18.20
N LEU B 53 -27.24 5.52 -17.66
CA LEU B 53 -26.15 5.52 -16.70
C LEU B 53 -24.94 4.80 -17.30
N LEU B 54 -23.78 5.47 -17.29
CA LEU B 54 -22.54 4.88 -17.80
C LEU B 54 -21.71 4.31 -16.67
N ASP B 55 -21.40 3.02 -16.75
CA ASP B 55 -20.49 2.41 -15.80
C ASP B 55 -19.22 2.01 -16.53
N ILE B 56 -18.15 2.78 -16.30
CA ILE B 56 -16.91 2.57 -17.01
C ILE B 56 -15.93 1.77 -16.17
N LEU B 57 -15.39 0.70 -16.75
CA LEU B 57 -14.29 -0.01 -16.13
C LEU B 57 -13.02 0.37 -16.85
N ASP B 58 -12.06 0.90 -16.11
CA ASP B 58 -10.76 1.23 -16.67
C ASP B 58 -9.70 0.71 -15.69
N THR B 59 -9.03 -0.36 -16.08
CA THR B 59 -8.09 -0.98 -15.17
C THR B 59 -6.65 -0.52 -15.39
N ALA B 60 -6.48 0.62 -16.06
CA ALA B 60 -5.16 1.17 -16.38
C ALA B 60 -4.18 1.02 -15.22
N GLY B 61 -2.97 0.56 -15.52
CA GLY B 61 -1.98 0.26 -14.50
C GLY B 61 -1.87 -1.22 -14.18
N GLN B 62 -2.87 -2.00 -14.59
CA GLN B 62 -2.88 -3.46 -14.36
C GLN B 62 -2.56 -4.29 -15.61
N GLU B 63 -1.93 -3.69 -16.61
CA GLU B 63 -1.68 -4.35 -17.89
C GLU B 63 -0.79 -5.59 -17.79
N GLU B 64 0.10 -5.64 -16.79
CA GLU B 64 0.97 -6.80 -16.62
C GLU B 64 0.22 -8.03 -16.12
N TYR B 65 -0.95 -7.80 -15.53
CA TYR B 65 -1.83 -8.88 -15.11
C TYR B 65 -2.58 -9.37 -16.32
N SER B 66 -1.85 -9.89 -17.31
CA SER B 66 -2.44 -10.21 -18.63
C SER B 66 -3.46 -11.34 -18.56
N ALA B 67 -3.32 -12.22 -17.58
CA ALA B 67 -4.26 -13.33 -17.39
C ALA B 67 -5.60 -12.90 -16.76
N MET B 68 -5.72 -11.62 -16.43
CA MET B 68 -6.96 -11.10 -15.85
C MET B 68 -7.82 -10.42 -16.88
N ARG B 69 -7.25 -10.19 -18.05
CA ARG B 69 -7.94 -9.48 -19.11
C ARG B 69 -9.31 -10.10 -19.47
N ASP B 70 -9.39 -11.43 -19.57
CA ASP B 70 -10.69 -12.10 -19.84
C ASP B 70 -11.72 -11.87 -18.73
N GLN B 71 -11.27 -12.06 -17.48
CA GLN B 71 -12.10 -11.75 -16.32
C GLN B 71 -12.70 -10.35 -16.42
N TYR B 72 -11.87 -9.35 -16.73
CA TYR B 72 -12.30 -7.97 -16.80
C TYR B 72 -13.25 -7.67 -17.97
N MET B 73 -12.85 -8.10 -19.16
CA MET B 73 -13.60 -7.82 -20.39
C MET B 73 -14.96 -8.52 -20.41
N ARG B 74 -15.04 -9.68 -19.77
CA ARG B 74 -16.27 -10.46 -19.76
C ARG B 74 -17.45 -9.68 -19.19
N THR B 75 -17.15 -8.69 -18.36
CA THR B 75 -18.17 -7.92 -17.64
C THR B 75 -18.84 -6.82 -18.49
N GLY B 76 -18.34 -6.60 -19.71
CA GLY B 76 -18.74 -5.43 -20.47
C GLY B 76 -19.62 -5.67 -21.67
N GLU B 77 -20.51 -4.72 -21.96
CA GLU B 77 -21.39 -4.78 -23.13
C GLU B 77 -20.82 -4.01 -24.31
N GLY B 78 -19.83 -3.16 -24.05
CA GLY B 78 -19.28 -2.29 -25.06
C GLY B 78 -17.84 -1.95 -24.72
N PHE B 79 -17.03 -1.70 -25.74
CA PHE B 79 -15.59 -1.59 -25.52
C PHE B 79 -14.96 -0.42 -26.25
N LEU B 80 -14.09 0.29 -25.55
CA LEU B 80 -13.25 1.31 -26.16
C LEU B 80 -11.84 0.75 -26.30
N CYS B 81 -11.42 0.60 -27.55
CA CYS B 81 -10.08 0.12 -27.85
C CYS B 81 -9.21 1.34 -28.14
N VAL B 82 -8.35 1.66 -27.18
CA VAL B 82 -7.56 2.89 -27.19
C VAL B 82 -6.08 2.66 -27.53
N PHE B 83 -5.55 3.51 -28.39
CA PHE B 83 -4.12 3.54 -28.64
C PHE B 83 -3.68 5.00 -28.65
N ALA B 84 -2.38 5.23 -28.54
CA ALA B 84 -1.84 6.59 -28.58
C ALA B 84 -1.37 6.88 -29.99
N ILE B 85 -1.64 8.09 -30.47
CA ILE B 85 -1.23 8.44 -31.83
C ILE B 85 0.28 8.64 -32.00
N ASN B 86 1.02 8.68 -30.90
CA ASN B 86 2.46 8.79 -30.96
C ASN B 86 3.15 7.49 -30.55
N ASN B 87 2.36 6.42 -30.44
CA ASN B 87 2.90 5.10 -30.14
C ASN B 87 2.37 4.05 -31.09
N THR B 88 3.15 3.75 -32.12
CA THR B 88 2.78 2.79 -33.16
C THR B 88 2.46 1.39 -32.61
N LYS B 89 3.24 0.95 -31.63
CA LYS B 89 3.03 -0.38 -31.05
C LYS B 89 1.63 -0.54 -30.45
N SER B 90 1.15 0.50 -29.75
CA SER B 90 -0.19 0.47 -29.15
C SER B 90 -1.27 0.37 -30.23
N PHE B 91 -0.95 0.86 -31.42
CA PHE B 91 -1.86 0.78 -32.55
C PHE B 91 -1.87 -0.63 -33.14
N GLU B 92 -0.69 -1.22 -33.27
CA GLU B 92 -0.59 -2.58 -33.83
C GLU B 92 -1.23 -3.63 -32.91
N ASP B 93 -1.29 -3.34 -31.61
CA ASP B 93 -1.87 -4.26 -30.63
C ASP B 93 -3.39 -4.25 -30.68
N ILE B 94 -3.97 -3.26 -31.36
CA ILE B 94 -5.43 -3.12 -31.41
C ILE B 94 -6.07 -4.40 -31.96
N HIS B 95 -5.40 -5.01 -32.94
CA HIS B 95 -5.89 -6.27 -33.49
C HIS B 95 -6.03 -7.30 -32.39
N GLN B 96 -4.98 -7.51 -31.59
CA GLN B 96 -5.05 -8.55 -30.56
C GLN B 96 -6.10 -8.26 -29.47
N TYR B 97 -6.34 -6.98 -29.14
CA TYR B 97 -7.44 -6.64 -28.22
C TYR B 97 -8.82 -7.00 -28.79
N ARG B 98 -9.05 -6.66 -30.06
CA ARG B 98 -10.31 -7.00 -30.72
C ARG B 98 -10.55 -8.52 -30.76
N GLU B 99 -9.58 -9.28 -31.23
CA GLU B 99 -9.73 -10.75 -31.25
C GLU B 99 -10.00 -11.29 -29.85
N GLN B 100 -9.33 -10.70 -28.86
CA GLN B 100 -9.48 -11.18 -27.49
C GLN B 100 -10.87 -10.85 -26.92
N ILE B 101 -11.43 -9.71 -27.33
CA ILE B 101 -12.79 -9.34 -26.96
C ILE B 101 -13.82 -10.23 -27.63
N LYS B 102 -13.70 -10.41 -28.94
CA LYS B 102 -14.60 -11.31 -29.69
C LYS B 102 -14.63 -12.70 -29.05
N ARG B 103 -13.47 -13.19 -28.62
CA ARG B 103 -13.41 -14.50 -27.99
C ARG B 103 -14.13 -14.58 -26.63
N VAL B 104 -13.80 -13.73 -25.66
CA VAL B 104 -14.46 -13.83 -24.35
C VAL B 104 -15.97 -13.57 -24.40
N LYS B 105 -16.41 -12.65 -25.24
CA LYS B 105 -17.85 -12.43 -25.43
C LYS B 105 -18.48 -13.51 -26.33
N ASP B 106 -17.64 -14.32 -26.97
CA ASP B 106 -18.08 -15.41 -27.85
C ASP B 106 -19.00 -14.88 -28.96
N SER B 107 -18.55 -13.83 -29.63
CA SER B 107 -19.31 -13.23 -30.70
C SER B 107 -18.38 -12.54 -31.68
N ASP B 108 -18.83 -12.38 -32.92
CA ASP B 108 -18.04 -11.67 -33.94
C ASP B 108 -18.57 -10.26 -34.14
N ASP B 109 -19.58 -9.89 -33.37
CA ASP B 109 -20.16 -8.55 -33.47
C ASP B 109 -20.35 -7.92 -32.08
N VAL B 110 -19.25 -7.50 -31.47
CA VAL B 110 -19.31 -6.83 -30.16
C VAL B 110 -19.22 -5.32 -30.36
N PRO B 111 -20.18 -4.58 -29.78
CA PRO B 111 -20.16 -3.12 -29.94
C PRO B 111 -18.81 -2.60 -29.45
N MET B 112 -18.07 -1.93 -30.33
CA MET B 112 -16.82 -1.35 -29.92
C MET B 112 -16.45 -0.13 -30.74
N VAL B 113 -15.58 0.69 -30.17
CA VAL B 113 -15.12 1.91 -30.81
C VAL B 113 -13.60 1.86 -30.82
N LEU B 114 -12.99 2.32 -31.91
CA LEU B 114 -11.55 2.56 -31.91
C LEU B 114 -11.33 4.02 -31.54
N VAL B 115 -10.53 4.25 -30.50
CA VAL B 115 -10.18 5.60 -30.06
C VAL B 115 -8.67 5.87 -30.22
N GLY B 116 -8.32 6.89 -30.99
CA GLY B 116 -6.95 7.37 -31.07
C GLY B 116 -6.74 8.51 -30.09
N ASN B 117 -5.77 8.36 -29.19
CA ASN B 117 -5.61 9.30 -28.09
C ASN B 117 -4.32 10.14 -28.21
N LYS B 118 -4.47 11.46 -28.20
CA LYS B 118 -3.32 12.39 -28.17
C LYS B 118 -2.94 12.67 -26.72
N CYS B 119 -1.83 12.13 -26.25
CA CYS B 119 -1.48 12.25 -24.83
C CYS B 119 -0.44 13.35 -24.58
N ASP B 120 0.42 13.60 -25.54
CA ASP B 120 1.29 14.77 -25.44
C ASP B 120 1.63 15.44 -26.77
N LEU B 121 2.80 16.05 -26.83
CA LEU B 121 3.20 16.82 -28.00
C LEU B 121 4.32 16.14 -28.80
N ALA B 122 4.75 14.96 -28.38
CA ALA B 122 5.60 14.11 -29.22
C ALA B 122 4.89 13.81 -30.54
N ALA B 123 5.68 13.61 -31.60
CA ALA B 123 5.12 13.56 -32.94
C ALA B 123 4.13 12.43 -33.13
N ARG B 124 3.11 12.71 -33.94
CA ARG B 124 2.17 11.67 -34.36
C ARG B 124 2.90 10.66 -35.23
N THR B 125 2.77 9.37 -34.91
CA THR B 125 3.32 8.34 -35.79
C THR B 125 2.23 7.53 -36.47
N VAL B 126 1.00 7.66 -35.98
CA VAL B 126 -0.15 7.00 -36.59
C VAL B 126 -1.08 8.03 -37.20
N GLU B 127 -1.03 8.18 -38.51
CA GLU B 127 -1.93 9.11 -39.19
C GLU B 127 -3.39 8.68 -39.01
N SER B 128 -4.32 9.61 -39.21
CA SER B 128 -5.71 9.30 -38.98
C SER B 128 -6.24 8.43 -40.13
N ARG B 129 -5.64 8.60 -41.30
CA ARG B 129 -5.97 7.75 -42.45
C ARG B 129 -5.83 6.27 -42.10
N GLN B 130 -4.65 5.86 -41.62
CA GLN B 130 -4.44 4.44 -41.29
C GLN B 130 -5.49 3.96 -40.29
N ALA B 131 -5.74 4.78 -39.28
CA ALA B 131 -6.67 4.44 -38.20
C ALA B 131 -8.11 4.34 -38.72
N GLN B 132 -8.52 5.33 -39.50
CA GLN B 132 -9.79 5.25 -40.23
C GLN B 132 -9.93 3.91 -40.99
N ASP B 133 -8.93 3.56 -41.79
CA ASP B 133 -8.95 2.32 -42.58
C ASP B 133 -9.05 1.06 -41.74
N LEU B 134 -8.26 0.97 -40.67
CA LEU B 134 -8.41 -0.17 -39.77
C LEU B 134 -9.83 -0.23 -39.21
N ALA B 135 -10.32 0.92 -38.72
CA ALA B 135 -11.66 0.96 -38.15
C ALA B 135 -12.72 0.59 -39.18
N ARG B 136 -12.50 0.96 -40.44
CA ARG B 136 -13.43 0.58 -41.51
C ARG B 136 -13.40 -0.92 -41.76
N SER B 137 -12.20 -1.50 -41.82
CA SER B 137 -12.06 -2.93 -42.05
C SER B 137 -12.72 -3.76 -40.94
N TYR B 138 -12.81 -3.22 -39.74
CA TYR B 138 -13.55 -3.86 -38.64
C TYR B 138 -15.05 -3.51 -38.64
N GLY B 139 -15.44 -2.53 -39.44
CA GLY B 139 -16.81 -2.03 -39.37
C GLY B 139 -17.13 -1.41 -38.02
N ILE B 140 -16.25 -0.54 -37.52
CA ILE B 140 -16.48 0.18 -36.27
C ILE B 140 -16.14 1.66 -36.37
N PRO B 141 -16.77 2.49 -35.52
CA PRO B 141 -16.43 3.92 -35.51
C PRO B 141 -14.98 4.20 -35.08
N TYR B 142 -14.42 5.26 -35.65
CA TYR B 142 -13.13 5.79 -35.21
C TYR B 142 -13.30 7.18 -34.60
N ILE B 143 -12.74 7.38 -33.42
CA ILE B 143 -12.79 8.68 -32.74
C ILE B 143 -11.44 9.08 -32.20
N GLU B 144 -11.00 10.29 -32.54
CA GLU B 144 -9.82 10.86 -31.89
C GLU B 144 -10.15 11.78 -30.72
N THR B 145 -9.37 11.65 -29.64
CA THR B 145 -9.55 12.45 -28.45
C THR B 145 -8.24 13.15 -28.10
N SER B 146 -8.34 14.22 -27.31
CA SER B 146 -7.16 14.81 -26.70
C SER B 146 -7.19 14.59 -25.19
N ALA B 147 -6.07 14.10 -24.67
CA ALA B 147 -5.91 13.84 -23.23
C ALA B 147 -5.74 15.12 -22.38
N LYS B 148 -5.95 16.28 -22.99
CA LYS B 148 -5.66 17.57 -22.34
C LYS B 148 -6.86 18.50 -22.39
N THR B 149 -7.41 18.65 -23.60
CA THR B 149 -8.46 19.62 -23.90
C THR B 149 -9.87 19.03 -23.83
N ARG B 150 -9.97 17.77 -23.46
CA ARG B 150 -11.25 17.07 -23.40
C ARG B 150 -12.00 17.03 -24.75
N GLN B 151 -11.30 17.28 -25.84
CA GLN B 151 -11.91 17.18 -27.17
C GLN B 151 -12.12 15.73 -27.60
N GLY B 152 -13.33 15.42 -28.07
CA GLY B 152 -13.62 14.12 -28.62
C GLY B 152 -13.91 13.03 -27.60
N VAL B 153 -13.82 13.40 -26.32
CA VAL B 153 -13.99 12.44 -25.23
C VAL B 153 -15.44 12.02 -25.08
N GLU B 154 -16.35 12.98 -25.05
CA GLU B 154 -17.78 12.66 -25.03
C GLU B 154 -18.17 11.87 -26.28
N ASP B 155 -17.61 12.27 -27.42
CA ASP B 155 -17.94 11.68 -28.69
C ASP B 155 -17.63 10.18 -28.65
N ALA B 156 -16.47 9.85 -28.09
CA ALA B 156 -15.99 8.48 -27.94
C ALA B 156 -17.01 7.59 -27.22
N PHE B 157 -17.40 8.01 -26.02
CA PHE B 157 -18.32 7.23 -25.20
C PHE B 157 -19.73 7.16 -25.79
N TYR B 158 -20.27 8.31 -26.19
CA TYR B 158 -21.61 8.37 -26.75
C TYR B 158 -21.73 7.51 -28.01
N THR B 159 -20.71 7.58 -28.87
CA THR B 159 -20.68 6.73 -30.05
C THR B 159 -20.77 5.25 -29.69
N LEU B 160 -19.98 4.82 -28.71
CA LEU B 160 -20.06 3.44 -28.24
C LEU B 160 -21.45 3.08 -27.69
N VAL B 161 -22.10 4.00 -26.99
CA VAL B 161 -23.46 3.76 -26.54
C VAL B 161 -24.42 3.64 -27.72
N ARG B 162 -24.25 4.49 -28.73
CA ARG B 162 -25.03 4.38 -29.94
C ARG B 162 -24.77 3.05 -30.61
N GLU B 163 -23.54 2.56 -30.50
CA GLU B 163 -23.17 1.29 -31.11
C GLU B 163 -23.83 0.11 -30.37
N ILE B 164 -23.98 0.24 -29.05
CA ILE B 164 -24.72 -0.75 -28.27
C ILE B 164 -26.20 -0.70 -28.62
N ARG B 165 -26.77 0.49 -28.62
CA ARG B 165 -28.20 0.66 -28.87
C ARG B 165 -28.63 0.17 -30.25
N GLN B 166 -27.74 0.31 -31.22
CA GLN B 166 -28.06 -0.07 -32.60
C GLN B 166 -27.47 -1.42 -32.97
N HIS B 167 -27.04 -2.18 -31.97
CA HIS B 167 -26.49 -3.50 -32.23
C HIS B 167 -27.60 -4.43 -32.70
N GLN C 2 4.52 36.78 21.96
CA GLN C 2 4.85 35.54 21.32
C GLN C 2 6.35 35.30 21.38
N MET C 3 6.91 34.74 20.31
CA MET C 3 8.36 34.57 20.18
C MET C 3 8.77 35.20 18.86
N ARG C 4 9.99 35.72 18.80
CA ARG C 4 10.45 36.36 17.57
C ARG C 4 11.22 35.40 16.69
N LEU C 5 10.86 35.38 15.41
CA LEU C 5 11.47 34.51 14.42
C LEU C 5 12.73 35.20 13.93
N PRO C 6 13.65 34.47 13.27
CA PRO C 6 14.84 35.14 12.74
C PRO C 6 14.47 36.19 11.70
N SER C 7 15.43 36.99 11.28
CA SER C 7 15.21 37.88 10.16
C SER C 7 14.95 37.08 8.88
N ALA C 8 13.94 37.50 8.13
CA ALA C 8 13.58 36.84 6.89
C ALA C 8 14.54 37.16 5.73
N ASP C 9 15.77 37.55 6.05
CA ASP C 9 16.77 37.82 5.03
C ASP C 9 18.10 37.07 5.24
N VAL C 10 18.25 36.45 6.40
CA VAL C 10 19.38 35.55 6.64
C VAL C 10 18.87 34.11 6.80
N TYR C 11 17.60 33.93 6.45
CA TYR C 11 16.89 32.70 6.75
C TYR C 11 15.55 32.74 6.03
N ARG C 12 15.41 31.90 5.00
CA ARG C 12 14.23 31.93 4.13
C ARG C 12 12.98 31.33 4.79
N PHE C 13 13.17 30.61 5.89
CA PHE C 13 12.06 29.90 6.52
C PHE C 13 11.33 30.71 7.61
N ALA C 14 11.27 32.03 7.44
CA ALA C 14 10.54 32.84 8.41
C ALA C 14 9.64 33.85 7.71
N GLU C 15 9.51 33.71 6.40
CA GLU C 15 8.52 34.48 5.66
C GLU C 15 7.15 34.19 6.23
N PRO C 16 6.37 35.24 6.47
CA PRO C 16 4.99 35.06 6.90
C PRO C 16 4.16 34.24 5.88
N ASP C 17 3.28 33.38 6.39
CA ASP C 17 2.35 32.66 5.53
C ASP C 17 1.43 33.64 4.84
N SER C 18 1.17 33.39 3.56
CA SER C 18 0.05 34.03 2.88
C SER C 18 -0.47 33.03 1.83
N GLU C 19 -1.54 33.39 1.14
CA GLU C 19 -2.10 32.54 0.10
C GLU C 19 -1.27 32.61 -1.18
N GLU C 20 -0.02 33.04 -1.06
CA GLU C 20 0.89 33.15 -2.19
C GLU C 20 2.01 32.13 -2.06
N ASN C 21 2.15 31.56 -0.86
CA ASN C 21 3.17 30.56 -0.57
C ASN C 21 2.63 29.31 0.15
N ILE C 22 1.41 29.37 0.63
CA ILE C 22 0.83 28.22 1.31
C ILE C 22 -0.70 28.30 1.37
N ILE C 23 -1.34 27.18 1.15
CA ILE C 23 -2.78 27.12 1.16
C ILE C 23 -3.19 25.91 1.97
N PHE C 24 -4.05 26.12 2.95
CA PHE C 24 -4.48 25.02 3.80
C PHE C 24 -5.82 24.44 3.35
N GLU C 25 -6.10 23.24 3.83
CA GLU C 25 -7.31 22.52 3.47
C GLU C 25 -8.40 23.01 4.41
N GLU C 26 -9.63 23.12 3.92
CA GLU C 26 -10.74 23.57 4.76
C GLU C 26 -11.43 22.39 5.44
N GLY C 33 -5.65 17.94 15.31
CA GLY C 33 -5.99 19.34 15.37
C GLY C 33 -5.11 20.20 14.49
N ILE C 34 -3.95 19.66 14.11
CA ILE C 34 -2.98 20.38 13.29
C ILE C 34 -3.53 20.61 11.88
N PRO C 35 -3.13 21.71 11.21
CA PRO C 35 -3.72 21.99 9.90
C PRO C 35 -3.16 21.06 8.81
N ILE C 36 -3.87 21.01 7.69
CA ILE C 36 -3.52 20.15 6.56
C ILE C 36 -3.26 21.01 5.33
N ILE C 37 -2.13 20.77 4.69
CA ILE C 37 -1.70 21.58 3.57
C ILE C 37 -2.24 21.08 2.23
N LYS C 38 -2.92 21.98 1.52
CA LYS C 38 -3.38 21.71 0.17
C LYS C 38 -2.27 21.97 -0.83
N ALA C 39 -1.58 23.10 -0.67
CA ALA C 39 -0.55 23.50 -1.63
C ALA C 39 0.41 24.49 -1.01
N GLY C 40 1.62 24.54 -1.54
CA GLY C 40 2.62 25.48 -1.03
C GLY C 40 3.86 25.52 -1.89
N THR C 41 4.80 26.37 -1.52
CA THR C 41 6.09 26.38 -2.19
C THR C 41 6.94 25.33 -1.51
N VAL C 42 8.09 25.01 -2.08
CA VAL C 42 8.96 24.06 -1.42
C VAL C 42 9.50 24.59 -0.09
N ILE C 43 9.80 25.89 -0.02
CA ILE C 43 10.28 26.51 1.22
C ILE C 43 9.25 26.27 2.31
N LYS C 44 8.01 26.59 2.00
CA LYS C 44 6.94 26.47 2.98
C LYS C 44 6.63 25.01 3.35
N LEU C 45 6.76 24.13 2.37
CA LEU C 45 6.52 22.71 2.59
C LEU C 45 7.57 22.17 3.56
N ILE C 46 8.82 22.55 3.33
CA ILE C 46 9.89 22.10 4.21
C ILE C 46 9.79 22.71 5.61
N GLU C 47 9.36 23.97 5.69
CA GLU C 47 9.13 24.63 6.99
C GLU C 47 8.07 23.89 7.82
N ARG C 48 6.95 23.55 7.20
CA ARG C 48 5.89 22.83 7.89
C ARG C 48 6.31 21.40 8.23
N LEU C 49 7.08 20.79 7.34
CA LEU C 49 7.71 19.48 7.57
C LEU C 49 8.52 19.38 8.85
N THR C 50 8.97 20.54 9.34
CA THR C 50 9.85 20.63 10.50
C THR C 50 9.43 21.82 11.37
N TYR C 51 8.13 22.04 11.48
CA TYR C 51 7.57 23.13 12.24
C TYR C 51 7.95 23.08 13.71
N HIS C 52 8.14 24.26 14.33
CA HIS C 52 8.51 24.34 15.75
C HIS C 52 7.39 24.05 16.75
N MET C 53 6.14 24.24 16.32
CA MET C 53 4.98 24.06 17.21
C MET C 53 4.56 22.61 17.43
N TYR C 54 4.69 21.77 16.40
CA TYR C 54 4.22 20.39 16.49
C TYR C 54 4.92 19.40 15.56
N ALA C 55 4.89 18.14 15.94
CA ALA C 55 5.37 17.08 15.05
C ALA C 55 4.22 16.58 14.17
N ASP C 56 4.55 16.07 13.00
CA ASP C 56 3.53 15.43 12.16
C ASP C 56 4.12 14.27 11.35
N PRO C 57 4.29 13.10 12.00
CA PRO C 57 5.06 11.99 11.40
C PRO C 57 4.46 11.48 10.09
N ASN C 58 3.17 11.73 9.90
CA ASN C 58 2.48 11.36 8.68
C ASN C 58 2.84 12.23 7.50
N PHE C 59 3.10 13.50 7.81
CA PHE C 59 3.53 14.45 6.81
C PHE C 59 4.94 14.07 6.37
N VAL C 60 5.77 13.66 7.33
CA VAL C 60 7.13 13.24 7.03
C VAL C 60 7.13 12.03 6.06
N ARG C 61 6.32 11.02 6.35
CA ARG C 61 6.24 9.85 5.47
C ARG C 61 5.68 10.24 4.10
N THR C 62 4.63 11.05 4.10
CA THR C 62 4.02 11.51 2.86
C THR C 62 5.02 12.28 1.98
N PHE C 63 5.77 13.16 2.63
CA PHE C 63 6.71 14.00 1.92
C PHE C 63 7.88 13.18 1.37
N LEU C 64 8.54 12.42 2.23
CA LEU C 64 9.68 11.61 1.82
C LEU C 64 9.33 10.54 0.76
N THR C 65 8.08 10.11 0.75
CA THR C 65 7.63 9.14 -0.24
C THR C 65 7.45 9.80 -1.59
N THR C 66 6.97 11.04 -1.59
CA THR C 66 6.47 11.66 -2.83
C THR C 66 7.18 12.90 -3.34
N TYR C 67 8.16 13.42 -2.61
CA TYR C 67 8.74 14.72 -2.97
C TYR C 67 9.48 14.73 -4.30
N ARG C 68 9.78 13.56 -4.86
CA ARG C 68 10.70 13.53 -6.00
C ARG C 68 10.05 14.06 -7.27
N SER C 69 8.73 14.14 -7.28
CA SER C 69 8.02 14.76 -8.40
C SER C 69 8.12 16.30 -8.40
N PHE C 70 8.45 16.91 -7.26
CA PHE C 70 8.56 18.38 -7.21
C PHE C 70 9.92 18.95 -6.80
N CYS C 71 10.80 18.13 -6.26
CA CYS C 71 12.10 18.59 -5.78
C CYS C 71 13.13 17.46 -5.89
N LYS C 72 14.31 17.74 -6.46
CA LYS C 72 15.37 16.72 -6.58
C LYS C 72 15.94 16.37 -5.20
N PRO C 73 16.52 15.18 -5.05
CA PRO C 73 17.16 14.83 -3.77
C PRO C 73 18.27 15.80 -3.34
N GLN C 74 19.15 16.18 -4.27
CA GLN C 74 20.24 17.08 -3.96
C GLN C 74 19.69 18.40 -3.45
N GLU C 75 18.61 18.85 -4.05
CA GLU C 75 17.95 20.06 -3.64
C GLU C 75 17.29 19.95 -2.25
N LEU C 76 16.62 18.82 -1.99
CA LEU C 76 16.05 18.54 -0.67
C LEU C 76 17.08 18.66 0.44
N LEU C 77 18.18 17.90 0.30
CA LEU C 77 19.22 17.91 1.32
C LEU C 77 19.77 19.33 1.55
N SER C 78 19.97 20.10 0.49
CA SER C 78 20.43 21.48 0.64
C SER C 78 19.43 22.35 1.39
N LEU C 79 18.15 22.18 1.08
CA LEU C 79 17.11 22.95 1.76
C LEU C 79 16.98 22.56 3.23
N ILE C 80 17.11 21.28 3.54
CA ILE C 80 17.06 20.87 4.95
C ILE C 80 18.27 21.40 5.73
N ILE C 81 19.44 21.40 5.07
CA ILE C 81 20.67 21.90 5.68
C ILE C 81 20.50 23.39 5.96
N GLU C 82 19.92 24.09 5.00
CA GLU C 82 19.63 25.51 5.15
C GLU C 82 18.66 25.78 6.30
N ARG C 83 17.57 25.00 6.33
CA ARG C 83 16.60 25.08 7.42
C ARG C 83 17.25 24.81 8.79
N PHE C 84 18.26 23.92 8.79
CA PHE C 84 18.95 23.58 10.04
C PHE C 84 19.79 24.75 10.67
N GLU C 85 20.43 25.59 9.84
CA GLU C 85 21.31 26.65 10.38
C GLU C 85 20.51 27.91 10.70
N ILE C 86 19.92 27.91 11.88
CA ILE C 86 19.06 28.98 12.33
C ILE C 86 19.92 30.03 13.06
N PRO C 87 19.85 31.29 12.61
CA PRO C 87 20.58 32.35 13.33
C PRO C 87 20.01 32.61 14.72
N GLU C 88 20.87 32.70 15.73
CA GLU C 88 20.46 33.11 17.08
C GLU C 88 20.29 34.61 17.11
N PRO C 89 19.37 35.12 17.96
CA PRO C 89 19.14 36.57 18.05
C PRO C 89 20.26 37.30 18.82
N GLU C 90 20.33 38.62 18.68
CA GLU C 90 21.36 39.42 19.39
C GLU C 90 20.96 39.67 20.83
N PRO C 91 21.95 39.98 21.69
CA PRO C 91 21.68 40.35 23.09
C PRO C 91 20.64 41.47 23.22
N THR C 92 19.70 41.31 24.15
CA THR C 92 18.66 42.30 24.32
C THR C 92 19.14 43.51 25.13
N GLU C 93 18.26 44.49 25.29
CA GLU C 93 18.61 45.71 26.01
C GLU C 93 19.02 45.38 27.43
N ALA C 94 18.29 44.49 28.08
CA ALA C 94 18.66 44.05 29.43
C ALA C 94 19.99 43.32 29.44
N ASP C 95 20.27 42.52 28.41
CA ASP C 95 21.57 41.86 28.33
C ASP C 95 22.70 42.88 28.17
N ARG C 96 22.49 43.91 27.35
CA ARG C 96 23.48 44.97 27.17
C ARG C 96 23.79 45.68 28.50
N ILE C 97 22.74 45.99 29.25
CA ILE C 97 22.92 46.73 30.49
C ILE C 97 23.67 45.92 31.55
N ALA C 98 23.45 44.60 31.57
CA ALA C 98 24.16 43.75 32.51
C ALA C 98 25.65 43.67 32.20
N ILE C 99 25.96 43.50 30.91
CA ILE C 99 27.34 43.37 30.44
C ILE C 99 28.11 44.67 30.68
N GLU C 100 27.42 45.79 30.50
CA GLU C 100 27.98 47.12 30.74
C GLU C 100 28.40 47.26 32.20
N ASN C 101 27.80 46.46 33.08
CA ASN C 101 28.07 46.54 34.53
C ASN C 101 28.84 45.35 35.07
N GLY C 102 29.55 44.65 34.19
CA GLY C 102 30.40 43.52 34.58
C GLY C 102 29.66 42.26 34.99
N ASP C 103 28.33 42.33 34.98
CA ASP C 103 27.51 41.18 35.35
C ASP C 103 27.27 40.29 34.14
N GLN C 104 26.66 39.13 34.35
CA GLN C 104 26.34 38.30 33.20
C GLN C 104 24.85 38.34 32.85
N PRO C 105 24.56 38.38 31.54
CA PRO C 105 23.18 38.53 31.05
C PRO C 105 22.30 37.38 31.49
N LEU C 106 21.00 37.63 31.61
CA LEU C 106 20.04 36.56 31.81
C LEU C 106 19.87 35.79 30.50
N SER C 107 20.05 36.50 29.37
CA SER C 107 19.83 35.95 28.03
C SER C 107 18.49 35.21 27.90
N ALA C 108 17.45 35.71 28.56
CA ALA C 108 16.17 35.01 28.63
C ALA C 108 15.53 34.72 27.27
N GLU C 109 15.42 35.76 26.44
CA GLU C 109 14.88 35.62 25.10
C GLU C 109 15.70 34.64 24.27
N LEU C 110 17.03 34.75 24.33
CA LEU C 110 17.89 33.83 23.59
C LEU C 110 17.66 32.38 24.04
N LYS C 111 17.64 32.14 25.34
CA LYS C 111 17.45 30.78 25.85
C LYS C 111 16.08 30.23 25.49
N ARG C 112 15.08 31.11 25.43
CA ARG C 112 13.74 30.64 25.08
C ARG C 112 13.69 30.35 23.59
N PHE C 113 14.38 31.18 22.79
CA PHE C 113 14.44 30.92 21.35
C PHE C 113 15.13 29.57 21.06
N ARG C 114 16.21 29.29 21.78
CA ARG C 114 16.89 28.02 21.60
C ARG C 114 15.99 26.85 21.95
N LYS C 115 15.29 26.97 23.07
CA LYS C 115 14.54 25.85 23.61
C LYS C 115 13.21 25.62 22.89
N GLU C 116 12.66 26.67 22.27
CA GLU C 116 11.31 26.62 21.75
C GLU C 116 11.23 26.78 20.23
N TYR C 117 12.29 27.31 19.60
CA TYR C 117 12.34 27.37 18.14
C TYR C 117 13.45 26.46 17.63
N ILE C 118 14.69 26.86 17.87
CA ILE C 118 15.84 26.13 17.34
C ILE C 118 15.84 24.65 17.67
N GLN C 119 15.66 24.31 18.94
CA GLN C 119 15.79 22.91 19.34
C GLN C 119 14.72 22.03 18.67
N PRO C 120 13.42 22.40 18.76
CA PRO C 120 12.44 21.57 18.05
C PRO C 120 12.67 21.50 16.54
N VAL C 121 12.96 22.63 15.91
CA VAL C 121 13.19 22.66 14.47
C VAL C 121 14.37 21.78 14.04
N GLN C 122 15.45 21.80 14.81
CA GLN C 122 16.65 21.03 14.47
C GLN C 122 16.43 19.54 14.65
N LEU C 123 15.72 19.16 15.71
CA LEU C 123 15.42 17.76 15.97
C LEU C 123 14.51 17.22 14.87
N ARG C 124 13.55 18.02 14.44
CA ARG C 124 12.65 17.64 13.38
C ARG C 124 13.38 17.49 12.05
N VAL C 125 14.31 18.41 11.77
CA VAL C 125 15.23 18.22 10.65
C VAL C 125 15.97 16.88 10.77
N LEU C 126 16.54 16.62 11.94
CA LEU C 126 17.23 15.37 12.18
C LEU C 126 16.28 14.17 12.07
N ASN C 127 15.01 14.39 12.39
CA ASN C 127 14.05 13.31 12.26
C ASN C 127 13.75 12.98 10.80
N VAL C 128 13.68 14.01 9.96
CA VAL C 128 13.48 13.83 8.53
C VAL C 128 14.66 13.07 7.95
N CYS C 129 15.86 13.47 8.34
CA CYS C 129 17.06 12.78 7.87
C CYS C 129 17.03 11.31 8.26
N ARG C 130 16.57 11.05 9.48
CA ARG C 130 16.50 9.68 10.00
C ARG C 130 15.49 8.83 9.21
N HIS C 131 14.30 9.36 8.96
CA HIS C 131 13.31 8.62 8.17
C HIS C 131 13.77 8.47 6.72
N TRP C 132 14.39 9.52 6.19
CA TRP C 132 14.97 9.50 4.86
C TRP C 132 15.97 8.35 4.69
N VAL C 133 16.88 8.25 5.64
CA VAL C 133 17.96 7.26 5.56
C VAL C 133 17.45 5.84 5.82
N GLU C 134 16.44 5.72 6.69
CA GLU C 134 15.97 4.43 7.18
C GLU C 134 14.83 3.82 6.34
N HIS C 135 14.13 4.64 5.56
CA HIS C 135 12.97 4.16 4.83
C HIS C 135 13.02 4.53 3.36
N HIS C 136 13.98 5.38 2.99
CA HIS C 136 14.08 5.83 1.61
C HIS C 136 15.53 5.90 1.20
N PHE C 137 16.29 4.86 1.58
CA PHE C 137 17.73 4.84 1.39
C PHE C 137 18.17 4.79 -0.06
N TYR C 138 17.22 4.59 -0.97
CA TYR C 138 17.56 4.38 -2.37
C TYR C 138 18.06 5.64 -3.05
N ASP C 139 17.69 6.80 -2.51
CA ASP C 139 18.18 8.07 -3.03
C ASP C 139 19.69 8.08 -2.90
N PHE C 140 20.16 7.44 -1.84
CA PHE C 140 21.58 7.39 -1.51
C PHE C 140 22.32 6.26 -2.23
N GLU C 141 21.61 5.17 -2.52
CA GLU C 141 22.16 4.05 -3.31
C GLU C 141 22.39 4.44 -4.74
N ARG C 142 21.50 5.29 -5.26
CA ARG C 142 21.54 5.72 -6.65
C ARG C 142 22.29 7.01 -6.85
N ASP C 143 22.85 7.54 -5.77
CA ASP C 143 23.64 8.78 -5.83
C ASP C 143 24.63 8.85 -4.66
N ALA C 144 25.86 8.41 -4.90
CA ALA C 144 26.86 8.33 -3.84
C ALA C 144 27.32 9.72 -3.37
N TYR C 145 27.15 10.72 -4.20
CA TYR C 145 27.51 12.07 -3.81
C TYR C 145 26.52 12.55 -2.75
N LEU C 146 25.23 12.31 -2.99
CA LEU C 146 24.19 12.67 -2.03
C LEU C 146 24.45 11.99 -0.70
N LEU C 147 24.85 10.73 -0.73
CA LEU C 147 25.19 10.03 0.50
C LEU C 147 26.38 10.72 1.19
N GLN C 148 27.35 11.17 0.41
CA GLN C 148 28.53 11.83 0.95
C GLN C 148 28.13 13.10 1.69
N ARG C 149 27.43 13.99 0.99
CA ARG C 149 26.88 15.22 1.56
C ARG C 149 26.10 15.00 2.85
N MET C 150 25.32 13.93 2.91
CA MET C 150 24.49 13.64 4.07
C MET C 150 25.36 13.26 5.26
N GLU C 151 26.36 12.43 5.03
CA GLU C 151 27.30 12.03 6.06
C GLU C 151 28.11 13.22 6.58
N GLU C 152 28.45 14.14 5.68
CA GLU C 152 29.20 15.32 6.05
C GLU C 152 28.35 16.24 6.92
N PHE C 153 27.10 16.46 6.51
CA PHE C 153 26.17 17.27 7.29
C PHE C 153 25.99 16.69 8.70
N ILE C 154 25.48 15.47 8.78
CA ILE C 154 25.28 14.80 10.07
C ILE C 154 26.55 14.83 10.91
N GLY C 155 27.69 14.51 10.28
CA GLY C 155 28.96 14.42 10.96
C GLY C 155 29.52 15.72 11.53
N THR C 156 29.11 16.86 10.96
CA THR C 156 29.60 18.14 11.43
C THR C 156 28.58 18.90 12.27
N VAL C 157 27.55 18.21 12.74
CA VAL C 157 26.57 18.82 13.62
C VAL C 157 27.10 18.86 15.04
N ARG C 158 27.49 20.06 15.47
CA ARG C 158 27.97 20.28 16.83
C ARG C 158 26.81 20.71 17.74
N GLY C 159 26.97 20.56 19.04
CA GLY C 159 25.88 20.87 19.96
C GLY C 159 25.41 19.63 20.68
N LYS C 160 25.42 19.66 22.01
CA LYS C 160 25.21 18.44 22.80
C LYS C 160 23.75 18.08 23.06
N ALA C 161 22.83 18.96 22.65
CA ALA C 161 21.41 18.62 22.68
C ALA C 161 21.08 17.69 21.52
N MET C 162 21.95 17.66 20.52
CA MET C 162 21.76 16.88 19.31
C MET C 162 22.64 15.64 19.34
N LYS C 163 23.63 15.63 20.23
CA LYS C 163 24.67 14.61 20.19
C LYS C 163 24.14 13.17 20.06
N LYS C 164 23.11 12.85 20.85
CA LYS C 164 22.54 11.50 20.89
C LYS C 164 22.05 11.04 19.52
N TRP C 165 21.26 11.90 18.87
CA TRP C 165 20.71 11.61 17.55
C TRP C 165 21.72 11.73 16.42
N VAL C 166 22.71 12.61 16.57
CA VAL C 166 23.79 12.69 15.60
C VAL C 166 24.57 11.38 15.57
N GLU C 167 24.88 10.84 16.75
CA GLU C 167 25.63 9.59 16.84
C GLU C 167 24.82 8.41 16.33
N SER C 168 23.54 8.41 16.70
CA SER C 168 22.60 7.38 16.24
C SER C 168 22.45 7.38 14.72
N ILE C 169 22.22 8.54 14.13
CA ILE C 169 22.03 8.65 12.69
C ILE C 169 23.32 8.31 11.91
N THR C 170 24.46 8.56 12.53
CA THR C 170 25.72 8.19 11.91
C THR C 170 25.87 6.67 11.81
N LYS C 171 25.56 5.97 12.89
CA LYS C 171 25.59 4.50 12.90
C LYS C 171 24.61 3.90 11.91
N ILE C 172 23.40 4.46 11.87
CA ILE C 172 22.34 4.00 10.98
C ILE C 172 22.77 4.11 9.52
N ILE C 173 23.31 5.27 9.13
CA ILE C 173 23.82 5.43 7.77
C ILE C 173 24.89 4.37 7.46
N GLN C 174 25.82 4.18 8.39
CA GLN C 174 26.87 3.16 8.22
C GLN C 174 26.30 1.74 8.08
N ARG C 175 25.27 1.42 8.85
CA ARG C 175 24.59 0.12 8.71
C ARG C 175 23.92 -0.05 7.34
N LYS C 176 23.10 0.90 6.92
CA LYS C 176 22.45 0.80 5.60
C LYS C 176 23.43 0.62 4.45
N LYS C 177 24.63 1.18 4.59
CA LYS C 177 25.66 1.09 3.56
C LYS C 177 26.15 -0.34 3.40
N ILE C 178 26.74 -0.91 4.45
CA ILE C 178 27.20 -2.31 4.46
C ILE C 178 26.07 -3.36 4.57
N ALA C 179 24.83 -2.88 4.69
CA ALA C 179 23.65 -3.78 4.70
C ALA C 179 22.62 -3.32 3.64
N HIS C 186 17.17 -10.24 11.56
CA HIS C 186 15.82 -9.88 11.10
C HIS C 186 14.82 -11.04 11.32
N ASN C 187 15.07 -11.86 12.34
CA ASN C 187 14.20 -13.02 12.59
C ASN C 187 12.90 -12.68 13.33
N ILE C 188 11.98 -13.65 13.36
CA ILE C 188 10.58 -13.42 13.75
C ILE C 188 10.17 -14.21 15.00
N THR C 189 9.24 -13.66 15.79
CA THR C 189 8.64 -14.35 16.93
C THR C 189 7.13 -14.45 16.71
N PHE C 190 6.53 -15.55 17.17
CA PHE C 190 5.09 -15.75 17.04
C PHE C 190 4.41 -16.08 18.37
N GLN C 191 3.14 -15.72 18.49
CA GLN C 191 2.33 -16.15 19.64
C GLN C 191 2.33 -17.68 19.72
N SER C 192 2.00 -18.32 18.60
CA SER C 192 1.89 -19.78 18.56
C SER C 192 2.89 -20.48 17.65
N SER C 193 2.83 -21.82 17.65
CA SER C 193 3.62 -22.64 16.73
C SER C 193 2.84 -22.85 15.44
N PRO C 194 3.53 -22.83 14.30
CA PRO C 194 2.83 -23.07 13.03
C PRO C 194 2.33 -24.52 12.93
N PRO C 195 1.23 -24.74 12.20
CA PRO C 195 0.67 -26.09 12.07
C PRO C 195 1.65 -27.05 11.38
N THR C 196 1.47 -28.34 11.63
CA THR C 196 2.27 -29.36 10.97
C THR C 196 2.05 -29.27 9.47
N VAL C 197 3.15 -29.31 8.72
CA VAL C 197 3.09 -29.42 7.27
C VAL C 197 2.28 -30.66 6.88
N GLU C 198 1.38 -30.51 5.92
CA GLU C 198 0.52 -31.64 5.53
C GLU C 198 1.00 -32.32 4.24
N TRP C 199 0.88 -33.64 4.19
CA TRP C 199 1.29 -34.38 3.01
C TRP C 199 0.15 -35.26 2.50
N HIS C 200 0.11 -35.45 1.17
CA HIS C 200 -0.92 -36.24 0.52
C HIS C 200 -0.24 -37.45 -0.15
N ILE C 201 -0.19 -37.46 -1.48
CA ILE C 201 0.43 -38.56 -2.23
C ILE C 201 1.95 -38.41 -2.33
N SER C 202 2.42 -37.26 -2.83
CA SER C 202 3.84 -36.94 -2.82
C SER C 202 4.32 -36.93 -1.37
N ARG C 203 5.40 -37.64 -1.12
CA ARG C 203 5.99 -37.70 0.22
C ARG C 203 7.23 -36.80 0.26
N PRO C 204 7.70 -36.44 1.46
CA PRO C 204 8.81 -35.49 1.55
C PRO C 204 10.05 -35.97 0.81
N GLY C 205 10.65 -35.08 0.04
CA GLY C 205 11.84 -35.39 -0.72
C GLY C 205 11.55 -35.69 -2.17
N HIS C 206 10.39 -36.26 -2.42
CA HIS C 206 10.06 -36.75 -3.76
C HIS C 206 9.50 -35.66 -4.65
N ILE C 207 10.30 -34.64 -4.94
CA ILE C 207 9.83 -33.49 -5.72
C ILE C 207 9.46 -33.80 -7.18
N GLU C 208 9.98 -34.91 -7.71
CA GLU C 208 9.68 -35.34 -9.09
C GLU C 208 8.22 -35.75 -9.26
N THR C 209 7.57 -36.08 -8.14
CA THR C 209 6.17 -36.48 -8.16
C THR C 209 5.22 -35.31 -7.87
N PHE C 210 5.77 -34.23 -7.31
CA PHE C 210 4.98 -33.04 -6.96
C PHE C 210 4.16 -32.58 -8.16
N ASP C 211 2.90 -32.23 -7.90
CA ASP C 211 1.97 -31.78 -8.94
C ASP C 211 0.65 -31.36 -8.27
N LEU C 212 -0.29 -30.82 -9.05
CA LEU C 212 -1.52 -30.22 -8.51
C LEU C 212 -2.33 -31.13 -7.58
N LEU C 213 -2.39 -32.42 -7.90
CA LEU C 213 -3.28 -33.36 -7.20
C LEU C 213 -2.53 -34.21 -6.19
N THR C 214 -1.20 -34.23 -6.32
CA THR C 214 -0.37 -35.10 -5.50
C THR C 214 0.14 -34.42 -4.23
N LEU C 215 0.22 -33.08 -4.25
CA LEU C 215 0.51 -32.32 -3.04
C LEU C 215 -0.80 -32.13 -2.30
N HIS C 216 -0.71 -31.88 -0.99
CA HIS C 216 -1.90 -31.65 -0.20
C HIS C 216 -2.49 -30.28 -0.56
N PRO C 217 -3.81 -30.23 -0.83
CA PRO C 217 -4.40 -28.92 -1.15
C PRO C 217 -4.22 -27.89 0.01
N ILE C 218 -4.19 -28.35 1.25
CA ILE C 218 -3.96 -27.43 2.36
C ILE C 218 -2.56 -26.85 2.22
N GLU C 219 -1.59 -27.72 1.92
CA GLU C 219 -0.20 -27.32 1.86
C GLU C 219 0.17 -26.60 0.56
N ILE C 220 -0.56 -26.84 -0.52
CA ILE C 220 -0.41 -26.01 -1.71
C ILE C 220 -0.82 -24.57 -1.38
N ALA C 221 -1.94 -24.40 -0.68
CA ALA C 221 -2.43 -23.06 -0.38
C ALA C 221 -1.46 -22.34 0.55
N ARG C 222 -1.04 -23.02 1.62
CA ARG C 222 -0.09 -22.47 2.58
C ARG C 222 1.21 -21.95 1.93
N GLN C 223 1.84 -22.81 1.12
CA GLN C 223 3.12 -22.47 0.50
C GLN C 223 2.98 -21.45 -0.62
N LEU C 224 1.85 -21.44 -1.31
CA LEU C 224 1.63 -20.37 -2.29
C LEU C 224 1.40 -19.07 -1.54
N THR C 225 0.76 -19.16 -0.38
CA THR C 225 0.45 -17.98 0.43
C THR C 225 1.71 -17.36 1.04
N LEU C 226 2.58 -18.19 1.62
CA LEU C 226 3.92 -17.73 2.06
C LEU C 226 4.66 -17.02 0.93
N LEU C 227 4.80 -17.71 -0.20
CA LEU C 227 5.51 -17.21 -1.36
C LEU C 227 4.93 -15.91 -1.88
N GLU C 228 3.61 -15.83 -1.92
CA GLU C 228 2.94 -14.64 -2.44
C GLU C 228 2.96 -13.49 -1.44
N SER C 229 3.03 -13.83 -0.15
CA SER C 229 3.23 -12.86 0.91
C SER C 229 4.61 -12.21 0.82
N ASP C 230 5.65 -13.02 0.65
CA ASP C 230 6.98 -12.46 0.47
C ASP C 230 7.04 -11.53 -0.75
N LEU C 231 6.48 -11.98 -1.87
CA LEU C 231 6.48 -11.12 -3.06
C LEU C 231 5.76 -9.80 -2.81
N TYR C 232 4.65 -9.85 -2.07
CA TYR C 232 3.90 -8.65 -1.73
C TYR C 232 4.68 -7.72 -0.80
N ARG C 233 5.33 -8.30 0.21
CA ARG C 233 6.06 -7.56 1.23
C ARG C 233 7.30 -6.86 0.67
N ALA C 234 7.71 -7.23 -0.54
CA ALA C 234 8.99 -6.80 -1.04
C ALA C 234 8.90 -5.54 -1.88
N VAL C 235 7.71 -5.26 -2.39
CA VAL C 235 7.48 -4.05 -3.22
C VAL C 235 7.56 -2.77 -2.39
N GLN C 236 8.53 -1.91 -2.73
CA GLN C 236 8.75 -0.61 -2.08
C GLN C 236 8.01 0.51 -2.80
N PRO C 237 7.70 1.64 -2.12
CA PRO C 237 6.99 2.73 -2.80
C PRO C 237 7.79 3.35 -3.94
N SER C 238 9.10 3.17 -3.93
CA SER C 238 9.91 3.67 -5.03
C SER C 238 9.56 2.99 -6.37
N GLU C 239 8.84 1.87 -6.32
CA GLU C 239 8.39 1.18 -7.52
C GLU C 239 7.03 1.68 -8.01
N LEU C 240 6.35 2.45 -7.17
CA LEU C 240 4.99 2.91 -7.42
C LEU C 240 4.88 4.41 -7.70
N VAL C 241 5.55 5.22 -6.88
CA VAL C 241 5.51 6.67 -7.03
C VAL C 241 5.95 7.11 -8.43
N GLY C 242 5.20 8.01 -9.04
CA GLY C 242 5.54 8.49 -10.38
C GLY C 242 5.13 7.52 -11.49
N SER C 243 4.30 6.55 -11.14
CA SER C 243 3.74 5.61 -12.12
C SER C 243 4.80 4.81 -12.90
N VAL C 244 5.96 4.59 -12.28
CA VAL C 244 7.12 4.07 -13.00
C VAL C 244 6.96 2.63 -13.52
N TRP C 245 6.08 1.84 -12.90
CA TRP C 245 5.88 0.46 -13.36
C TRP C 245 5.20 0.40 -14.72
N THR C 246 4.65 1.51 -15.18
CA THR C 246 3.96 1.57 -16.46
C THR C 246 4.79 2.24 -17.56
N LYS C 247 6.02 2.63 -17.27
CA LYS C 247 6.85 3.37 -18.21
C LYS C 247 7.92 2.48 -18.82
N GLU C 248 8.61 3.01 -19.82
CA GLU C 248 9.63 2.28 -20.54
C GLU C 248 10.77 1.69 -19.69
N ASP C 249 11.06 2.31 -18.55
CA ASP C 249 12.11 1.80 -17.67
C ASP C 249 11.55 0.98 -16.50
N LYS C 250 10.30 0.57 -16.64
CA LYS C 250 9.63 -0.21 -15.61
C LYS C 250 10.45 -1.41 -15.09
N GLU C 251 11.19 -2.09 -15.96
CA GLU C 251 12.05 -3.21 -15.56
C GLU C 251 13.18 -2.76 -14.61
N ILE C 252 13.66 -1.53 -14.80
CA ILE C 252 14.73 -0.98 -13.97
C ILE C 252 14.16 -0.50 -12.65
N ASN C 253 13.03 0.19 -12.74
CA ASN C 253 12.43 0.85 -11.59
C ASN C 253 11.47 0.00 -10.76
N SER C 254 10.79 -0.96 -11.36
CA SER C 254 9.84 -1.77 -10.59
C SER C 254 10.05 -3.31 -10.57
N PRO C 255 11.29 -3.76 -10.35
CA PRO C 255 11.54 -5.20 -10.50
C PRO C 255 10.81 -6.14 -9.53
N ASN C 256 10.50 -5.66 -8.33
CA ASN C 256 9.78 -6.50 -7.37
C ASN C 256 8.29 -6.51 -7.60
N LEU C 257 7.76 -5.37 -8.02
CA LEU C 257 6.35 -5.27 -8.32
C LEU C 257 6.08 -6.21 -9.48
N LEU C 258 6.92 -6.11 -10.51
CA LEU C 258 6.79 -6.93 -11.71
C LEU C 258 7.00 -8.43 -11.46
N LYS C 259 7.96 -8.78 -10.61
CA LYS C 259 8.19 -10.18 -10.27
C LYS C 259 6.94 -10.72 -9.62
N MET C 260 6.36 -9.92 -8.72
CA MET C 260 5.16 -10.31 -8.00
C MET C 260 4.00 -10.55 -8.94
N ILE C 261 3.77 -9.64 -9.88
CA ILE C 261 2.68 -9.78 -10.85
C ILE C 261 2.88 -10.98 -11.78
N ARG C 262 4.12 -11.19 -12.20
CA ARG C 262 4.42 -12.31 -13.09
C ARG C 262 4.23 -13.65 -12.42
N HIS C 263 4.47 -13.71 -11.12
CA HIS C 263 4.13 -14.90 -10.39
C HIS C 263 2.63 -15.15 -10.39
N THR C 264 1.86 -14.11 -10.14
CA THR C 264 0.41 -14.25 -10.14
C THR C 264 -0.12 -14.75 -11.49
N THR C 265 0.46 -14.23 -12.57
CA THR C 265 0.06 -14.58 -13.92
C THR C 265 0.39 -16.05 -14.17
N ASN C 266 1.63 -16.40 -13.87
CA ASN C 266 2.09 -17.77 -13.96
C ASN C 266 1.15 -18.75 -13.32
N LEU C 267 0.80 -18.49 -12.06
N LEU C 267 0.78 -18.48 -12.08
CA LEU C 267 -0.10 -19.37 -11.33
CA LEU C 267 -0.10 -19.36 -11.34
C LEU C 267 -1.48 -19.47 -11.97
C LEU C 267 -1.46 -19.48 -12.00
N THR C 268 -1.98 -18.36 -12.48
CA THR C 268 -3.29 -18.34 -13.14
C THR C 268 -3.26 -19.21 -14.41
N LEU C 269 -2.19 -19.09 -15.20
CA LEU C 269 -2.03 -19.91 -16.40
C LEU C 269 -1.79 -21.38 -16.07
N TRP C 270 -1.02 -21.64 -15.02
CA TRP C 270 -0.82 -23.00 -14.57
C TRP C 270 -2.14 -23.65 -14.18
N PHE C 271 -3.01 -22.91 -13.49
CA PHE C 271 -4.34 -23.44 -13.20
C PHE C 271 -5.12 -23.74 -14.49
N GLU C 272 -5.17 -22.78 -15.42
CA GLU C 272 -5.84 -22.95 -16.68
C GLU C 272 -5.32 -24.19 -17.40
N LYS C 273 -4.00 -24.39 -17.30
CA LYS C 273 -3.32 -25.43 -18.03
C LYS C 273 -3.56 -26.82 -17.43
N CYS C 274 -3.50 -26.91 -16.10
CA CYS C 274 -3.83 -28.16 -15.39
C CYS C 274 -5.21 -28.65 -15.76
N ILE C 275 -6.11 -27.70 -15.98
CA ILE C 275 -7.49 -28.01 -16.29
C ILE C 275 -7.62 -28.52 -17.73
N VAL C 276 -7.25 -27.71 -18.70
CA VAL C 276 -7.52 -27.99 -20.11
C VAL C 276 -6.65 -29.10 -20.71
N GLU C 277 -5.60 -29.49 -19.98
CA GLU C 277 -4.75 -30.58 -20.43
C GLU C 277 -5.20 -31.88 -19.78
N THR C 278 -6.22 -31.79 -18.94
CA THR C 278 -6.82 -32.98 -18.35
C THR C 278 -8.06 -33.28 -19.18
N GLU C 279 -7.87 -34.17 -20.16
CA GLU C 279 -8.85 -34.37 -21.21
C GLU C 279 -10.01 -35.28 -20.77
N ASN C 280 -9.72 -36.24 -19.90
CA ASN C 280 -10.79 -37.04 -19.31
C ASN C 280 -11.68 -36.18 -18.41
N LEU C 281 -12.99 -36.16 -18.70
CA LEU C 281 -13.96 -35.34 -17.94
C LEU C 281 -13.91 -35.58 -16.45
N GLU C 282 -13.99 -36.83 -16.04
CA GLU C 282 -13.99 -37.16 -14.62
C GLU C 282 -12.71 -36.64 -13.97
N GLU C 283 -11.57 -36.84 -14.64
CA GLU C 283 -10.30 -36.41 -14.10
C GLU C 283 -10.24 -34.89 -14.00
N ARG C 284 -10.77 -34.19 -15.01
CA ARG C 284 -10.76 -32.74 -15.04
C ARG C 284 -11.63 -32.13 -13.94
N VAL C 285 -12.77 -32.76 -13.69
CA VAL C 285 -13.62 -32.36 -12.59
C VAL C 285 -12.89 -32.49 -11.24
N ALA C 286 -12.03 -33.50 -11.10
CA ALA C 286 -11.26 -33.65 -9.86
C ALA C 286 -10.25 -32.54 -9.76
N VAL C 287 -9.78 -32.10 -10.92
CA VAL C 287 -8.80 -31.02 -10.98
C VAL C 287 -9.44 -29.70 -10.56
N VAL C 288 -10.54 -29.35 -11.21
CA VAL C 288 -11.23 -28.12 -10.92
C VAL C 288 -11.66 -28.09 -9.45
N SER C 289 -12.19 -29.21 -8.99
CA SER C 289 -12.62 -29.30 -7.60
C SER C 289 -11.45 -29.11 -6.63
N ARG C 290 -10.27 -29.60 -6.98
CA ARG C 290 -9.11 -29.46 -6.11
C ARG C 290 -8.61 -28.00 -6.09
N ILE C 291 -8.75 -27.30 -7.22
CA ILE C 291 -8.36 -25.90 -7.30
C ILE C 291 -9.32 -25.06 -6.46
N ILE C 292 -10.58 -25.47 -6.45
CA ILE C 292 -11.58 -24.80 -5.64
C ILE C 292 -11.33 -25.07 -4.16
N GLU C 293 -10.77 -26.23 -3.84
CA GLU C 293 -10.40 -26.53 -2.45
C GLU C 293 -9.21 -25.68 -2.00
N ILE C 294 -8.27 -25.46 -2.92
CA ILE C 294 -7.11 -24.61 -2.68
C ILE C 294 -7.57 -23.16 -2.49
N LEU C 295 -8.51 -22.73 -3.32
CA LEU C 295 -9.11 -21.42 -3.20
C LEU C 295 -9.71 -21.23 -1.81
N GLN C 296 -10.32 -22.29 -1.30
CA GLN C 296 -10.99 -22.26 0.00
C GLN C 296 -10.01 -22.02 1.16
N VAL C 297 -8.84 -22.65 1.10
CA VAL C 297 -7.80 -22.42 2.10
C VAL C 297 -7.13 -21.02 1.95
N PHE C 298 -7.02 -20.53 0.71
CA PHE C 298 -6.67 -19.13 0.44
C PHE C 298 -7.59 -18.15 1.18
N GLN C 299 -8.90 -18.35 1.07
CA GLN C 299 -9.86 -17.52 1.79
C GLN C 299 -9.65 -17.60 3.30
N GLU C 300 -9.41 -18.81 3.82
CA GLU C 300 -9.14 -18.97 5.25
C GLU C 300 -7.91 -18.16 5.64
N LEU C 301 -6.90 -18.19 4.78
CA LEU C 301 -5.61 -17.59 5.05
C LEU C 301 -5.56 -16.10 4.68
N ASN C 302 -6.70 -15.56 4.25
CA ASN C 302 -6.76 -14.16 3.82
C ASN C 302 -5.76 -13.85 2.71
N ASN C 303 -5.50 -14.83 1.84
CA ASN C 303 -4.65 -14.57 0.68
C ASN C 303 -5.51 -14.18 -0.51
N PHE C 304 -5.85 -12.90 -0.60
CA PHE C 304 -6.74 -12.43 -1.67
C PHE C 304 -6.11 -12.46 -3.07
N ASN C 305 -4.79 -12.30 -3.13
CA ASN C 305 -4.10 -12.47 -4.40
C ASN C 305 -4.29 -13.92 -4.88
N GLY C 306 -4.12 -14.88 -3.98
CA GLY C 306 -4.39 -16.28 -4.27
C GLY C 306 -5.80 -16.55 -4.73
N VAL C 307 -6.77 -16.10 -3.95
CA VAL C 307 -8.19 -16.17 -4.31
C VAL C 307 -8.42 -15.72 -5.75
N LEU C 308 -7.90 -14.55 -6.11
CA LEU C 308 -8.14 -14.01 -7.45
C LEU C 308 -7.30 -14.65 -8.56
N GLU C 309 -6.20 -15.32 -8.21
CA GLU C 309 -5.46 -16.08 -9.18
C GLU C 309 -6.36 -17.22 -9.65
N VAL C 310 -7.03 -17.86 -8.69
CA VAL C 310 -7.96 -18.96 -8.97
C VAL C 310 -9.20 -18.47 -9.72
N VAL C 311 -9.82 -17.39 -9.23
CA VAL C 311 -11.01 -16.83 -9.87
C VAL C 311 -10.72 -16.32 -11.28
N SER C 312 -9.53 -15.79 -11.51
CA SER C 312 -9.15 -15.37 -12.87
C SER C 312 -9.03 -16.57 -13.81
N ALA C 313 -8.51 -17.66 -13.29
CA ALA C 313 -8.33 -18.89 -14.03
C ALA C 313 -9.67 -19.47 -14.47
N MET C 314 -10.63 -19.52 -13.56
CA MET C 314 -11.97 -20.04 -13.84
C MET C 314 -12.73 -19.17 -14.84
N ASN C 315 -12.40 -17.90 -14.88
CA ASN C 315 -13.11 -16.94 -15.71
C ASN C 315 -12.43 -16.73 -17.06
N SER C 316 -11.28 -17.36 -17.24
CA SER C 316 -10.54 -17.20 -18.48
C SER C 316 -11.30 -17.84 -19.62
N SER C 317 -11.03 -17.42 -20.86
CA SER C 317 -11.70 -18.01 -22.02
C SER C 317 -11.65 -19.55 -22.09
N PRO C 318 -10.46 -20.16 -21.96
CA PRO C 318 -10.39 -21.63 -22.09
C PRO C 318 -11.22 -22.41 -21.07
N VAL C 319 -11.40 -21.86 -19.87
CA VAL C 319 -12.00 -22.60 -18.78
C VAL C 319 -13.48 -22.31 -18.63
N TYR C 320 -13.85 -21.04 -18.80
CA TYR C 320 -15.23 -20.60 -18.57
C TYR C 320 -16.25 -21.39 -19.40
N ARG C 321 -15.85 -21.82 -20.58
CA ARG C 321 -16.75 -22.45 -21.55
C ARG C 321 -17.00 -23.93 -21.27
N LEU C 322 -16.18 -24.55 -20.41
CA LEU C 322 -16.31 -25.95 -20.06
C LEU C 322 -17.57 -26.26 -19.23
N ASP C 323 -18.73 -26.07 -19.84
CA ASP C 323 -20.01 -26.31 -19.17
C ASP C 323 -20.19 -27.72 -18.61
N HIS C 324 -19.70 -28.74 -19.34
CA HIS C 324 -19.84 -30.13 -18.88
C HIS C 324 -19.11 -30.34 -17.56
N THR C 325 -18.00 -29.64 -17.40
CA THR C 325 -17.20 -29.73 -16.18
C THR C 325 -17.87 -29.02 -15.01
N PHE C 326 -18.34 -27.79 -15.25
CA PHE C 326 -19.02 -26.99 -14.22
C PHE C 326 -20.20 -27.77 -13.68
N GLU C 327 -20.89 -28.47 -14.58
CA GLU C 327 -22.10 -29.17 -14.25
C GLU C 327 -21.87 -30.23 -13.19
N GLN C 328 -20.68 -30.81 -13.17
CA GLN C 328 -20.39 -31.87 -12.19
C GLN C 328 -19.69 -31.42 -10.92
N ILE C 329 -19.32 -30.13 -10.84
CA ILE C 329 -18.77 -29.61 -9.61
C ILE C 329 -19.85 -29.70 -8.56
N PRO C 330 -19.56 -30.37 -7.43
CA PRO C 330 -20.44 -30.42 -6.24
C PRO C 330 -21.04 -29.06 -5.92
N SER C 331 -22.24 -29.06 -5.33
CA SER C 331 -22.94 -27.83 -5.05
C SER C 331 -22.21 -26.93 -4.06
N ARG C 332 -21.62 -27.52 -3.02
CA ARG C 332 -21.00 -26.73 -1.98
C ARG C 332 -19.77 -26.02 -2.52
N GLN C 333 -19.19 -26.57 -3.57
CA GLN C 333 -18.04 -25.92 -4.18
C GLN C 333 -18.37 -24.91 -5.27
N LYS C 334 -19.51 -25.05 -5.92
CA LYS C 334 -20.00 -23.98 -6.78
C LYS C 334 -20.16 -22.73 -5.94
N LYS C 335 -20.70 -22.93 -4.74
CA LYS C 335 -21.01 -21.86 -3.80
C LYS C 335 -19.75 -21.09 -3.40
N ILE C 336 -18.72 -21.83 -2.98
CA ILE C 336 -17.41 -21.27 -2.69
C ILE C 336 -16.82 -20.47 -3.86
N LEU C 337 -16.93 -21.00 -5.08
CA LEU C 337 -16.38 -20.32 -6.25
C LEU C 337 -17.17 -19.06 -6.57
N GLU C 338 -18.48 -19.17 -6.54
CA GLU C 338 -19.37 -18.04 -6.80
C GLU C 338 -19.21 -16.91 -5.75
N GLU C 339 -18.97 -17.29 -4.49
CA GLU C 339 -18.78 -16.30 -3.45
C GLU C 339 -17.47 -15.55 -3.69
N ALA C 340 -16.42 -16.28 -4.04
CA ALA C 340 -15.14 -15.66 -4.36
C ALA C 340 -15.24 -14.76 -5.59
N HIS C 341 -15.90 -15.24 -6.64
CA HIS C 341 -16.09 -14.41 -7.82
C HIS C 341 -16.83 -13.11 -7.51
N GLU C 342 -17.76 -13.14 -6.55
CA GLU C 342 -18.54 -11.95 -6.18
C GLU C 342 -17.72 -10.85 -5.52
N LEU C 343 -16.58 -11.24 -4.93
CA LEU C 343 -15.59 -10.29 -4.44
C LEU C 343 -15.15 -9.33 -5.53
N SER C 344 -15.24 -9.75 -6.79
CA SER C 344 -14.69 -8.92 -7.87
C SER C 344 -15.75 -8.03 -8.53
N GLU C 345 -17.02 -8.34 -8.30
CA GLU C 345 -18.11 -7.58 -8.90
C GLU C 345 -18.21 -6.14 -8.37
N ASP C 346 -18.79 -5.26 -9.19
CA ASP C 346 -19.02 -3.86 -8.82
C ASP C 346 -17.72 -3.16 -8.42
N HIS C 347 -16.73 -3.25 -9.31
CA HIS C 347 -15.43 -2.64 -9.09
C HIS C 347 -14.86 -3.03 -7.72
N TYR C 348 -14.93 -4.32 -7.43
CA TYR C 348 -14.32 -4.91 -6.23
C TYR C 348 -14.94 -4.43 -4.92
N LYS C 349 -16.20 -4.02 -4.96
CA LYS C 349 -16.92 -3.58 -3.76
C LYS C 349 -16.76 -4.54 -2.57
N LYS C 350 -17.09 -5.81 -2.74
CA LYS C 350 -17.02 -6.74 -1.62
C LYS C 350 -15.60 -7.03 -1.17
N TYR C 351 -14.67 -7.14 -2.12
CA TYR C 351 -13.27 -7.35 -1.78
C TYR C 351 -12.71 -6.25 -0.90
N LEU C 352 -12.99 -5.01 -1.28
CA LEU C 352 -12.51 -3.85 -0.52
C LEU C 352 -13.05 -3.88 0.90
N ALA C 353 -14.32 -4.27 1.05
CA ALA C 353 -14.94 -4.30 2.38
C ALA C 353 -14.42 -5.45 3.22
N LYS C 354 -14.18 -6.60 2.59
CA LYS C 354 -13.64 -7.75 3.31
C LYS C 354 -12.18 -7.52 3.73
N LEU C 355 -11.38 -6.92 2.83
CA LEU C 355 -9.98 -6.60 3.14
C LEU C 355 -9.86 -5.69 4.35
N ARG C 356 -10.76 -4.70 4.41
CA ARG C 356 -10.82 -3.76 5.52
C ARG C 356 -11.49 -4.36 6.75
N SER C 357 -11.74 -5.65 6.71
CA SER C 357 -12.49 -6.31 7.77
C SER C 357 -11.77 -7.44 8.49
N ILE C 358 -10.85 -8.11 7.79
CA ILE C 358 -10.19 -9.29 8.32
C ILE C 358 -9.11 -9.03 9.36
N ASN C 359 -8.68 -10.09 10.03
CA ASN C 359 -7.53 -10.03 10.89
C ASN C 359 -6.29 -10.50 10.15
N PRO C 360 -5.39 -9.56 9.81
CA PRO C 360 -4.11 -9.90 9.18
C PRO C 360 -3.35 -10.99 9.94
N PRO C 361 -2.32 -11.63 9.33
CA PRO C 361 -1.76 -11.36 8.00
C PRO C 361 -2.71 -11.65 6.85
N CYS C 362 -2.57 -10.87 5.79
CA CYS C 362 -3.34 -11.08 4.58
C CYS C 362 -2.41 -10.84 3.39
N VAL C 363 -2.85 -11.23 2.19
CA VAL C 363 -2.13 -10.85 0.98
C VAL C 363 -3.07 -10.13 0.04
N PRO C 364 -3.01 -8.79 -0.01
CA PRO C 364 -3.93 -8.06 -0.87
C PRO C 364 -3.72 -8.34 -2.36
N PHE C 365 -4.71 -7.96 -3.15
CA PHE C 365 -4.55 -7.88 -4.59
C PHE C 365 -3.99 -6.50 -4.96
N PHE C 366 -2.81 -6.50 -5.58
CA PHE C 366 -2.08 -5.26 -5.82
C PHE C 366 -2.68 -4.41 -6.92
N GLY C 367 -3.43 -5.03 -7.82
CA GLY C 367 -3.91 -4.36 -9.02
C GLY C 367 -4.81 -3.16 -8.75
N ILE C 368 -5.64 -3.24 -7.71
CA ILE C 368 -6.49 -2.12 -7.36
C ILE C 368 -5.61 -0.93 -6.97
N TYR C 369 -4.62 -1.18 -6.12
CA TYR C 369 -3.69 -0.15 -5.66
C TYR C 369 -2.97 0.54 -6.82
N LEU C 370 -2.42 -0.27 -7.72
CA LEU C 370 -1.75 0.24 -8.92
C LEU C 370 -2.63 1.20 -9.74
N THR C 371 -3.90 0.83 -9.96
CA THR C 371 -4.81 1.64 -10.76
C THR C 371 -5.14 2.96 -10.05
N ASN C 372 -5.29 2.90 -8.74
CA ASN C 372 -5.56 4.07 -7.95
C ASN C 372 -4.40 5.07 -7.94
N ILE C 373 -3.18 4.60 -7.68
CA ILE C 373 -1.99 5.44 -7.77
C ILE C 373 -1.87 6.09 -9.14
N LEU C 374 -2.11 5.31 -10.19
CA LEU C 374 -2.01 5.79 -11.57
C LEU C 374 -3.01 6.89 -11.88
N LYS C 375 -4.28 6.69 -11.52
CA LYS C 375 -5.30 7.68 -11.82
C LYS C 375 -5.15 8.96 -10.97
N THR C 376 -4.84 8.78 -9.69
CA THR C 376 -4.58 9.91 -8.80
C THR C 376 -3.53 10.80 -9.43
N GLU C 377 -2.46 10.19 -9.92
CA GLU C 377 -1.39 10.92 -10.57
C GLU C 377 -1.77 11.57 -11.90
N GLU C 378 -2.57 10.88 -12.71
CA GLU C 378 -2.94 11.42 -14.01
C GLU C 378 -4.16 12.31 -13.98
N GLY C 379 -4.89 12.30 -12.86
CA GLY C 379 -6.11 13.07 -12.75
C GLY C 379 -5.98 14.36 -11.97
N ASN C 380 -4.82 14.59 -11.38
CA ASN C 380 -4.59 15.79 -10.56
C ASN C 380 -3.37 16.55 -11.03
N PRO C 381 -3.48 17.89 -11.04
CA PRO C 381 -2.41 18.73 -11.56
C PRO C 381 -1.20 18.77 -10.61
N GLU C 382 -0.03 18.81 -11.23
CA GLU C 382 1.22 18.88 -10.51
C GLU C 382 1.31 20.21 -9.72
N VAL C 383 0.77 21.30 -10.28
CA VAL C 383 0.76 22.59 -9.59
C VAL C 383 -0.60 23.29 -9.63
N LEU C 384 -0.80 24.18 -8.67
CA LEU C 384 -1.96 25.06 -8.66
C LEU C 384 -1.46 26.48 -8.88
N LYS C 385 -2.07 27.20 -9.83
CA LYS C 385 -1.69 28.58 -10.07
C LYS C 385 -2.60 29.48 -9.23
N ARG C 386 -1.99 30.29 -8.36
CA ARG C 386 -2.75 31.21 -7.51
C ARG C 386 -2.00 32.54 -7.38
N HIS C 387 -2.70 33.64 -7.67
CA HIS C 387 -2.13 34.99 -7.54
C HIS C 387 -0.81 35.09 -8.32
N GLY C 388 -0.79 34.49 -9.51
CA GLY C 388 0.39 34.49 -10.36
C GLY C 388 1.55 33.63 -9.87
N LYS C 389 1.34 32.91 -8.77
CA LYS C 389 2.36 32.01 -8.24
C LYS C 389 2.02 30.55 -8.53
N GLU C 390 3.05 29.72 -8.63
CA GLU C 390 2.87 28.29 -8.88
C GLU C 390 3.15 27.45 -7.64
N LEU C 391 2.08 27.05 -6.97
CA LEU C 391 2.19 26.26 -5.74
C LEU C 391 2.22 24.74 -6.00
N ILE C 392 3.08 24.03 -5.29
CA ILE C 392 3.11 22.58 -5.35
C ILE C 392 1.75 22.05 -4.88
N ASN C 393 1.11 21.21 -5.69
CA ASN C 393 -0.17 20.63 -5.29
C ASN C 393 0.07 19.46 -4.36
N PHE C 394 0.11 19.75 -3.06
CA PHE C 394 0.50 18.73 -2.10
C PHE C 394 -0.58 17.71 -1.77
N SER C 395 -1.85 18.09 -1.89
CA SER C 395 -2.92 17.15 -1.59
C SER C 395 -2.85 15.97 -2.56
N LYS C 396 -2.39 16.23 -3.78
CA LYS C 396 -2.23 15.20 -4.80
C LYS C 396 -1.25 14.14 -4.34
N ARG C 397 -0.15 14.60 -3.75
CA ARG C 397 0.88 13.72 -3.22
C ARG C 397 0.41 13.01 -1.94
N ARG C 398 -0.46 13.66 -1.17
CA ARG C 398 -1.01 13.01 0.01
C ARG C 398 -1.92 11.86 -0.38
N LYS C 399 -2.62 11.98 -1.51
CA LYS C 399 -3.51 10.92 -1.97
C LYS C 399 -2.73 9.66 -2.37
N VAL C 400 -1.68 9.85 -3.17
CA VAL C 400 -0.75 8.76 -3.51
C VAL C 400 -0.16 8.11 -2.27
N ALA C 401 0.18 8.95 -1.27
CA ALA C 401 0.85 8.47 -0.06
C ALA C 401 -0.12 7.72 0.84
N GLU C 402 -1.38 8.08 0.77
CA GLU C 402 -2.44 7.39 1.49
C GLU C 402 -2.48 5.93 0.98
N ILE C 403 -2.35 5.79 -0.34
CA ILE C 403 -2.35 4.48 -0.95
C ILE C 403 -1.08 3.68 -0.60
N THR C 404 0.10 4.31 -0.71
CA THR C 404 1.32 3.56 -0.40
C THR C 404 1.39 3.22 1.08
N GLY C 405 0.73 4.02 1.91
CA GLY C 405 0.60 3.71 3.32
C GLY C 405 -0.31 2.54 3.62
N GLU C 406 -1.44 2.46 2.94
CA GLU C 406 -2.30 1.29 3.09
C GLU C 406 -1.54 0.01 2.67
N ILE C 407 -0.86 0.05 1.53
CA ILE C 407 0.03 -1.04 1.11
C ILE C 407 1.00 -1.47 2.23
N GLN C 408 1.76 -0.51 2.75
CA GLN C 408 2.75 -0.82 3.78
C GLN C 408 2.13 -1.38 5.06
N GLN C 409 0.91 -0.96 5.36
CA GLN C 409 0.25 -1.45 6.56
C GLN C 409 0.07 -2.97 6.49
N TYR C 410 -0.22 -3.52 5.32
CA TYR C 410 -0.40 -4.98 5.18
C TYR C 410 0.92 -5.73 4.98
N GLN C 411 2.03 -4.99 4.84
CA GLN C 411 3.34 -5.62 4.62
C GLN C 411 4.05 -5.99 5.92
N ASN C 412 3.44 -5.67 7.06
CA ASN C 412 4.08 -5.84 8.37
C ASN C 412 3.91 -7.22 9.00
N GLN C 413 2.73 -7.79 8.84
CA GLN C 413 2.35 -9.02 9.53
C GLN C 413 2.86 -10.27 8.79
N PRO C 414 3.65 -11.12 9.46
CA PRO C 414 4.14 -12.35 8.84
C PRO C 414 3.21 -13.52 9.12
N TYR C 415 3.11 -14.45 8.17
CA TYR C 415 2.29 -15.64 8.37
C TYR C 415 2.93 -16.63 9.32
N CYS C 416 2.14 -17.23 10.19
CA CYS C 416 2.65 -18.25 11.10
C CYS C 416 2.60 -19.65 10.43
N LEU C 417 3.42 -19.84 9.40
CA LEU C 417 3.40 -21.07 8.59
C LEU C 417 4.84 -21.51 8.27
N ARG C 418 5.12 -22.80 8.38
CA ARG C 418 6.43 -23.33 8.03
C ARG C 418 6.64 -23.37 6.53
N VAL C 419 7.77 -22.81 6.08
CA VAL C 419 8.20 -23.02 4.70
C VAL C 419 8.55 -24.50 4.49
N GLU C 420 8.08 -25.09 3.40
CA GLU C 420 8.66 -26.34 2.92
C GLU C 420 9.51 -26.03 1.70
N SER C 421 10.81 -26.28 1.81
CA SER C 421 11.77 -25.85 0.79
C SER C 421 11.44 -26.40 -0.58
N ASP C 422 11.15 -27.69 -0.64
CA ASP C 422 10.89 -28.36 -1.89
C ASP C 422 9.61 -27.87 -2.56
N ILE C 423 8.54 -27.74 -1.80
CA ILE C 423 7.29 -27.25 -2.35
C ILE C 423 7.43 -25.79 -2.82
N LYS C 424 8.16 -25.00 -2.04
CA LYS C 424 8.43 -23.61 -2.41
C LYS C 424 9.22 -23.49 -3.72
N ARG C 425 10.25 -24.32 -3.86
CA ARG C 425 11.06 -24.35 -5.08
C ARG C 425 10.24 -24.83 -6.28
N PHE C 426 9.31 -25.75 -6.03
CA PHE C 426 8.41 -26.26 -7.06
C PHE C 426 7.56 -25.15 -7.67
N PHE C 427 6.98 -24.31 -6.82
CA PHE C 427 6.14 -23.23 -7.30
C PHE C 427 6.93 -22.06 -7.88
N GLU C 428 8.11 -21.80 -7.33
CA GLU C 428 9.00 -20.78 -7.89
C GLU C 428 9.41 -21.13 -9.32
N ASN C 429 9.62 -22.42 -9.57
CA ASN C 429 10.08 -22.87 -10.87
C ASN C 429 8.98 -23.16 -11.89
N LEU C 430 7.72 -23.04 -11.48
CA LEU C 430 6.61 -23.27 -12.41
C LEU C 430 6.79 -22.38 -13.59
N ASN C 431 6.66 -22.96 -14.77
CA ASN C 431 6.78 -22.21 -16.00
C ASN C 431 5.85 -22.78 -17.06
N PRO C 432 4.55 -22.50 -16.93
CA PRO C 432 3.50 -23.05 -17.79
C PRO C 432 3.71 -22.76 -19.28
N MET C 433 4.22 -21.59 -19.63
CA MET C 433 4.33 -21.21 -21.04
C MET C 433 5.53 -21.85 -21.70
N GLY C 434 6.45 -22.35 -20.88
CA GLY C 434 7.73 -22.85 -21.40
C GLY C 434 8.47 -21.80 -22.21
N ASN C 435 8.77 -22.12 -23.45
CA ASN C 435 9.55 -21.26 -24.34
C ASN C 435 8.65 -20.50 -25.30
N SER C 436 7.35 -20.56 -25.05
CA SER C 436 6.38 -20.04 -25.97
C SER C 436 5.95 -18.60 -25.63
N MET C 437 5.66 -17.81 -26.65
CA MET C 437 5.19 -16.45 -26.43
C MET C 437 3.76 -16.49 -25.93
N GLU C 438 3.23 -15.34 -25.53
CA GLU C 438 1.94 -15.30 -24.85
C GLU C 438 0.75 -15.67 -25.74
N LYS C 439 0.64 -15.07 -26.91
CA LYS C 439 -0.50 -15.34 -27.77
C LYS C 439 -0.48 -16.80 -28.26
N GLU C 440 0.72 -17.31 -28.52
CA GLU C 440 0.88 -18.69 -28.98
C GLU C 440 0.43 -19.69 -27.91
N PHE C 441 0.82 -19.44 -26.66
CA PHE C 441 0.45 -20.29 -25.55
C PHE C 441 -1.02 -20.11 -25.15
N THR C 442 -1.51 -18.88 -25.25
CA THR C 442 -2.89 -18.55 -24.91
C THR C 442 -3.87 -19.15 -25.92
N ASP C 443 -3.47 -19.17 -27.20
CA ASP C 443 -4.24 -19.82 -28.25
C ASP C 443 -4.23 -21.36 -28.10
N TYR C 444 -3.09 -21.92 -27.69
CA TYR C 444 -2.99 -23.32 -27.37
C TYR C 444 -3.97 -23.75 -26.29
N LEU C 445 -4.07 -22.97 -25.21
CA LEU C 445 -4.96 -23.33 -24.11
C LEU C 445 -6.38 -23.36 -24.60
N PHE C 446 -6.74 -22.40 -25.44
CA PHE C 446 -8.11 -22.31 -25.93
C PHE C 446 -8.45 -23.47 -26.88
N ASN C 447 -7.51 -23.85 -27.75
CA ASN C 447 -7.72 -25.03 -28.60
C ASN C 447 -7.86 -26.30 -27.79
N LYS C 448 -7.13 -26.41 -26.68
CA LYS C 448 -7.29 -27.57 -25.82
C LYS C 448 -8.73 -27.61 -25.31
N SER C 449 -9.22 -26.47 -24.86
CA SER C 449 -10.60 -26.31 -24.44
C SER C 449 -11.61 -26.74 -25.52
N LEU C 450 -11.27 -26.53 -26.79
CA LEU C 450 -12.18 -26.85 -27.89
C LEU C 450 -12.12 -28.34 -28.21
N GLU C 451 -10.92 -28.91 -28.09
CA GLU C 451 -10.72 -30.35 -28.27
C GLU C 451 -11.45 -31.18 -27.22
N ILE C 452 -11.35 -30.77 -25.96
CA ILE C 452 -11.89 -31.57 -24.85
C ILE C 452 -13.40 -31.38 -24.59
N GLU C 453 -13.95 -30.25 -25.04
CA GLU C 453 -15.39 -30.00 -24.98
C GLU C 453 -15.80 -29.13 -26.15
N PRO C 454 -15.92 -29.75 -27.34
CA PRO C 454 -16.20 -29.06 -28.61
C PRO C 454 -17.48 -28.23 -28.57
N ARG C 455 -17.55 -27.22 -29.44
N ARG C 455 -17.55 -27.22 -29.44
CA ARG C 455 -18.77 -26.44 -29.56
CA ARG C 455 -18.77 -26.44 -29.56
C ARG C 455 -19.92 -27.35 -29.98
C ARG C 455 -19.91 -27.34 -29.99
N ASN C 456 -21.12 -27.02 -29.53
CA ASN C 456 -22.31 -27.69 -30.02
C ASN C 456 -22.43 -27.35 -31.51
N PRO C 457 -22.99 -28.26 -32.33
CA PRO C 457 -23.66 -29.52 -31.97
C PRO C 457 -22.70 -30.70 -31.88
N LYS C 458 -21.43 -30.50 -32.17
CA LYS C 458 -20.46 -31.59 -32.17
C LYS C 458 -20.52 -32.37 -30.87
N PRO C 459 -20.43 -33.71 -30.95
CA PRO C 459 -20.59 -34.57 -29.77
C PRO C 459 -19.35 -34.59 -28.87
N LEU C 460 -19.57 -34.84 -27.58
CA LEU C 460 -18.50 -34.88 -26.59
C LEU C 460 -17.66 -36.13 -26.75
N PRO C 461 -16.37 -35.97 -27.12
CA PRO C 461 -15.49 -37.14 -27.24
C PRO C 461 -15.28 -37.84 -25.91
N ARG C 462 -14.53 -38.93 -25.93
CA ARG C 462 -14.14 -39.66 -24.73
C ARG C 462 -12.62 -39.66 -24.67
N PHE C 463 -12.06 -39.72 -23.46
CA PHE C 463 -10.61 -39.60 -23.31
C PHE C 463 -10.12 -40.50 -22.19
N PRO C 464 -8.93 -41.06 -22.37
CA PRO C 464 -8.34 -41.95 -21.35
C PRO C 464 -7.78 -41.17 -20.14
N LYS C 465 -7.87 -41.80 -18.96
CA LYS C 465 -7.23 -41.34 -17.73
C LYS C 465 -5.77 -41.03 -18.01
N LYS C 466 -5.25 -39.93 -17.45
CA LYS C 466 -3.80 -39.69 -17.45
C LYS C 466 -3.15 -39.91 -16.06
N TYR C 467 -3.97 -40.03 -15.02
CA TYR C 467 -3.42 -40.12 -13.66
C TYR C 467 -3.52 -41.52 -13.06
N SER C 468 -2.38 -42.04 -12.59
CA SER C 468 -2.33 -43.40 -12.08
C SER C 468 -2.57 -43.50 -10.59
N TYR C 469 -2.73 -42.36 -9.93
CA TYR C 469 -2.90 -42.30 -8.48
C TYR C 469 -4.35 -41.91 -8.11
N PRO C 470 -4.77 -42.15 -6.85
CA PRO C 470 -6.19 -41.92 -6.53
C PRO C 470 -6.56 -40.44 -6.68
N LEU C 471 -7.77 -40.17 -7.17
CA LEU C 471 -8.20 -38.80 -7.44
C LEU C 471 -8.96 -38.22 -6.24
N LYS C 472 -9.14 -39.01 -5.20
CA LYS C 472 -9.93 -38.53 -4.07
C LYS C 472 -9.12 -37.50 -3.28
N SER C 473 -9.75 -36.36 -2.99
CA SER C 473 -9.12 -35.31 -2.21
C SER C 473 -9.06 -35.69 -0.74
N PRO C 474 -7.92 -35.41 -0.11
CA PRO C 474 -7.80 -35.62 1.34
C PRO C 474 -8.64 -34.61 2.14
N GLY C 475 -9.18 -33.60 1.46
CA GLY C 475 -10.00 -32.61 2.13
C GLY C 475 -9.20 -31.40 2.59
N VAL C 476 -9.88 -30.32 2.99
CA VAL C 476 -9.16 -29.12 3.42
C VAL C 476 -9.23 -28.83 4.92
N ARG C 477 -9.55 -29.85 5.72
CA ARG C 477 -9.50 -29.73 7.17
C ARG C 477 -8.19 -30.30 7.67
N PRO C 478 -7.45 -29.54 8.51
CA PRO C 478 -6.13 -30.00 8.94
C PRO C 478 -6.23 -31.15 9.94
N SER C 479 -5.11 -31.84 10.15
CA SER C 479 -5.03 -32.99 11.04
C SER C 479 -3.95 -32.70 12.05
N ASN C 480 -4.01 -33.40 13.18
CA ASN C 480 -3.09 -33.16 14.28
C ASN C 480 -2.70 -34.39 15.07
N PRO C 481 -1.62 -35.07 14.65
CA PRO C 481 -0.98 -36.05 15.54
C PRO C 481 -0.20 -35.33 16.67
N ARG C 482 0.24 -36.09 17.68
CA ARG C 482 0.96 -35.51 18.83
C ARG C 482 2.39 -35.09 18.50
#